data_4IRC
#
_entry.id   4IRC
#
_cell.length_a   86.140
_cell.length_b   56.950
_cell.length_c   110.810
_cell.angle_alpha   90.00
_cell.angle_beta   93.53
_cell.angle_gamma   90.00
#
_symmetry.space_group_name_H-M   'P 1 21 1'
#
loop_
_entity.id
_entity.type
_entity.pdbx_description
1 polymer "DNA (5'-D(*TP*CP*TP*GP*GP*GP*GP*TP*CP*CP*TP*AP*GP*GP*AP*CP*CP*C)-3')"
2 polymer "DNA (5'-D(*GP*GP*GP*TP*CP*CP*TP*AP*GP*GP*AP*CP*CP*C)-3')"
3 polymer "DNA (5'-D(*CP*TP*AP*GP*GP*GP*TP*CP*CP*TP*AP*GP*GP*AP*CP*CP*C)-3')"
4 polymer 'DNA polymerase IV'
5 non-polymer "2'-deoxy-5'-O-[(R)-hydroxy{[(R)-hydroxy(phosphonooxy)phosphoryl]amino}phosphoryl]cytidine"
6 non-polymer 'MAGNESIUM ION'
7 water water
#
loop_
_entity_poly.entity_id
_entity_poly.type
_entity_poly.pdbx_seq_one_letter_code
_entity_poly.pdbx_strand_id
1 'polydeoxyribonucleotide' (DT)(DC)(DT)(DG)(DG)(DG)(DG)(DT)(DC)(DC)(DT)(DA)(DG)(DG)(DA)(DC)(DC)(DC) G,B
2 'polydeoxyribonucleotide' (DG)(DG)(DG)(DT)(DC)(DC)(DT)(DA)(DG)(DG)(DA)(DC)(DC)(DC) H
3 'polydeoxyribonucleotide' (DC)(DT)(DA)(DG)(DG)(DG)(DT)(DC)(DC)(DT)(DA)(DG)(DG)(DA)(DC)(DC)(DC) C
4 'polypeptide(L)'
;GSRKIIHVDMDCFFAAVEMRDNPALRDIPIAIGGSRERRGVISTANYPARKFGVRSAMPTGMALALCPHLTLLPGRFDAY
KEASNHIREIFSRYTSRIEPLSLDEAYLDVTDSVHCHGSATLIAQEIRQTIFNELQLTASAGVAPVKFLAKIASDMNKPN
GQFVITPAEVPAFLQTLPLAKIPGVGKVSAAKLEAMGLRTCGDVQACDLVMLLKRFGKFGRILWERSQGIDERDVNSERL
RKSVGVERTMAEDIHHWSECEAIIERLYPELERRLAKVKPDLLIARQGVKLKFDDFQQTTQEHVWPRLNKADLIATARKT
WDERRGGRGVRLVGLHVTLLDP
;
F,A
#
loop_
_chem_comp.id
_chem_comp.type
_chem_comp.name
_chem_comp.formula
0KX non-polymer 2'-deoxy-5'-O-[(R)-hydroxy{[(R)-hydroxy(phosphonooxy)phosphoryl]amino}phosphoryl]cytidine 'C9 H17 N4 O12 P3'
DA DNA linking 2'-DEOXYADENOSINE-5'-MONOPHOSPHATE 'C10 H14 N5 O6 P'
DC DNA linking 2'-DEOXYCYTIDINE-5'-MONOPHOSPHATE 'C9 H14 N3 O7 P'
DG DNA linking 2'-DEOXYGUANOSINE-5'-MONOPHOSPHATE 'C10 H14 N5 O7 P'
DT DNA linking THYMIDINE-5'-MONOPHOSPHATE 'C10 H15 N2 O8 P'
MG non-polymer 'MAGNESIUM ION' 'Mg 2'
#
# COMPACT_ATOMS: atom_id res chain seq x y z
N GLY E 1 -2.63 45.04 -0.55
CA GLY E 1 -1.31 45.26 0.13
C GLY E 1 -0.34 44.13 -0.16
N SER E 2 0.48 44.34 -1.19
CA SER E 2 1.54 43.40 -1.58
C SER E 2 2.82 43.57 -0.72
N ARG E 3 3.49 42.44 -0.45
CA ARG E 3 4.73 42.43 0.30
C ARG E 3 5.96 42.26 -0.58
N LYS E 4 7.15 42.53 -0.04
CA LYS E 4 8.39 42.23 -0.75
C LYS E 4 9.24 41.22 0.02
N ILE E 5 9.28 39.98 -0.47
CA ILE E 5 10.10 38.90 0.13
C ILE E 5 11.32 38.50 -0.70
N ILE E 6 12.47 38.42 -0.03
CA ILE E 6 13.71 37.95 -0.64
C ILE E 6 14.16 36.66 0.01
N HIS E 7 14.25 35.60 -0.79
CA HIS E 7 14.92 34.39 -0.36
C HIS E 7 16.35 34.44 -0.80
N VAL E 8 17.28 34.46 0.16
CA VAL E 8 18.72 34.30 -0.13
C VAL E 8 19.18 32.86 0.14
N ASP E 9 20.04 32.32 -0.74
CA ASP E 9 20.49 30.91 -0.73
C ASP E 9 21.93 30.87 -1.15
N MET E 10 22.80 30.36 -0.29
CA MET E 10 24.14 30.08 -0.69
C MET E 10 24.14 28.86 -1.59
N ASP E 11 24.90 28.95 -2.69
CA ASP E 11 24.97 27.86 -3.66
C ASP E 11 26.07 26.96 -3.22
N CYS E 12 25.84 25.65 -3.40
CA CYS E 12 26.85 24.60 -3.15
C CYS E 12 27.59 24.92 -1.85
N PHE E 13 26.80 25.29 -0.82
CA PHE E 13 27.32 25.97 0.36
C PHE E 13 28.54 25.32 0.99
N PHE E 14 28.40 24.05 1.37
CA PHE E 14 29.51 23.35 2.02
C PHE E 14 30.71 23.27 1.09
N ALA E 15 30.45 22.73 -0.11
CA ALA E 15 31.41 22.75 -1.22
C ALA E 15 32.11 24.10 -1.37
N ALA E 16 31.32 25.18 -1.40
CA ALA E 16 31.85 26.53 -1.70
C ALA E 16 32.93 26.93 -0.70
N VAL E 17 32.66 26.62 0.57
CA VAL E 17 33.50 27.02 1.66
C VAL E 17 34.74 26.15 1.65
N GLU E 18 34.56 24.89 1.26
CA GLU E 18 35.71 24.02 1.08
C GLU E 18 36.67 24.57 0.00
N MET E 19 36.10 25.10 -1.08
CA MET E 19 36.89 25.59 -2.25
C MET E 19 37.53 26.93 -2.01
N ARG E 20 36.80 27.82 -1.34
CA ARG E 20 37.39 29.07 -0.92
C ARG E 20 38.65 28.74 -0.19
N ASP E 21 38.51 27.97 0.88
CA ASP E 21 39.63 27.59 1.73
C ASP E 21 40.67 26.72 1.04
N ASN E 22 40.23 25.81 0.17
CA ASN E 22 41.19 25.07 -0.64
C ASN E 22 40.95 25.22 -2.11
N PRO E 23 41.70 26.12 -2.75
CA PRO E 23 41.56 26.45 -4.16
C PRO E 23 41.90 25.29 -5.09
N ALA E 24 42.63 24.29 -4.58
CA ALA E 24 42.94 23.12 -5.40
C ALA E 24 41.69 22.28 -5.71
N LEU E 25 40.64 22.46 -4.91
CA LEU E 25 39.41 21.67 -5.02
C LEU E 25 38.47 22.25 -6.07
N ARG E 26 38.90 23.36 -6.66
CA ARG E 26 38.03 24.23 -7.44
C ARG E 26 37.39 23.60 -8.67
N ASP E 27 38.21 23.04 -9.56
CA ASP E 27 37.74 22.64 -10.89
C ASP E 27 37.61 21.14 -11.06
N ILE E 28 37.70 20.43 -9.93
CA ILE E 28 37.60 18.96 -9.88
C ILE E 28 36.38 18.58 -9.05
N PRO E 29 35.78 17.43 -9.33
CA PRO E 29 34.58 17.01 -8.57
C PRO E 29 34.84 16.68 -7.09
N ILE E 30 34.10 17.33 -6.20
CA ILE E 30 34.21 17.09 -4.76
C ILE E 30 32.83 17.06 -4.15
N ALA E 31 32.77 16.46 -2.97
CA ALA E 31 31.52 16.32 -2.27
C ALA E 31 31.78 16.20 -0.77
N ILE E 32 30.79 16.60 0.02
CA ILE E 32 30.81 16.37 1.45
C ILE E 32 29.87 15.20 1.71
N GLY E 33 30.40 14.18 2.42
CA GLY E 33 29.60 13.04 2.88
C GLY E 33 30.36 11.91 3.58
N GLY E 34 29.63 10.95 4.13
CA GLY E 34 30.27 9.75 4.67
C GLY E 34 30.79 8.81 3.58
N SER E 35 31.76 7.99 3.94
CA SER E 35 32.44 7.13 2.97
C SER E 35 31.56 5.95 2.62
N ARG E 36 31.92 5.33 1.49
CA ARG E 36 31.31 4.11 0.93
C ARG E 36 31.11 3.09 2.09
N GLU E 37 32.25 2.74 2.70
CA GLU E 37 32.36 1.75 3.77
C GLU E 37 31.67 2.18 5.03
N ARG E 38 31.44 3.49 5.15
CA ARG E 38 30.70 4.02 6.29
C ARG E 38 29.23 4.18 6.06
N ARG E 39 28.70 3.61 4.97
CA ARG E 39 27.27 3.64 4.66
C ARG E 39 26.72 5.10 4.51
N GLY E 40 27.60 6.04 4.18
CA GLY E 40 27.21 7.45 4.12
C GLY E 40 26.53 7.98 2.85
N VAL E 41 25.96 9.18 2.95
CA VAL E 41 25.37 9.84 1.78
C VAL E 41 26.03 11.17 1.48
N ILE E 42 25.65 11.80 0.38
CA ILE E 42 26.29 13.05 0.01
C ILE E 42 25.45 14.14 0.63
N SER E 43 26.13 15.06 1.32
CA SER E 43 25.51 16.24 1.88
C SER E 43 25.28 17.18 0.71
N THR E 44 26.38 17.63 0.07
CA THR E 44 26.24 18.37 -1.16
C THR E 44 27.43 18.06 -2.02
N ALA E 45 27.43 18.64 -3.23
CA ALA E 45 28.57 18.48 -4.14
C ALA E 45 28.87 19.78 -4.86
N ASN E 46 30.07 19.93 -5.38
CA ASN E 46 30.33 21.09 -6.22
C ASN E 46 29.84 20.84 -7.64
N TYR E 47 29.88 21.87 -8.47
CA TYR E 47 29.32 21.74 -9.81
C TYR E 47 30.04 20.76 -10.80
N PRO E 48 31.38 20.74 -10.75
CA PRO E 48 32.06 19.66 -11.47
C PRO E 48 31.45 18.30 -11.17
N ALA E 49 31.12 18.01 -9.89
CA ALA E 49 30.58 16.69 -9.52
C ALA E 49 29.10 16.49 -9.87
N ARG E 50 28.31 17.55 -9.80
CA ARG E 50 26.93 17.48 -10.24
C ARG E 50 26.86 17.12 -11.71
N LYS E 51 27.79 17.65 -12.49
CA LYS E 51 27.90 17.31 -13.93
C LYS E 51 27.71 15.82 -14.14
N PHE E 52 28.28 14.99 -13.24
CA PHE E 52 28.26 13.52 -13.35
C PHE E 52 26.99 12.96 -12.78
N GLY E 53 26.20 13.81 -12.12
CA GLY E 53 24.89 13.36 -11.63
C GLY E 53 24.83 13.20 -10.14
N VAL E 54 25.84 13.76 -9.47
CA VAL E 54 25.91 13.64 -8.04
C VAL E 54 24.95 14.62 -7.36
N ARG E 55 23.94 14.11 -6.66
CA ARG E 55 22.99 14.93 -5.90
C ARG E 55 23.10 14.72 -4.37
N SER E 56 22.56 15.67 -3.61
CA SER E 56 22.57 15.63 -2.16
C SER E 56 21.65 14.52 -1.77
N ALA E 57 21.75 14.00 -0.56
CA ALA E 57 20.81 12.99 -0.05
C ALA E 57 20.94 11.67 -0.78
N MET E 58 22.05 11.55 -1.48
CA MET E 58 22.30 10.40 -2.33
C MET E 58 23.45 9.55 -1.84
N PRO E 59 23.27 8.22 -1.84
CA PRO E 59 24.21 7.26 -1.27
C PRO E 59 25.55 7.41 -1.92
N THR E 60 26.62 7.39 -1.15
CA THR E 60 27.98 7.62 -1.67
C THR E 60 28.40 6.46 -2.61
N GLY E 61 27.80 5.29 -2.36
CA GLY E 61 27.88 4.17 -3.29
C GLY E 61 27.57 4.64 -4.68
N MET E 62 26.33 5.08 -4.88
CA MET E 62 25.94 5.62 -6.17
C MET E 62 26.83 6.79 -6.62
N ALA E 63 27.23 7.63 -5.69
CA ALA E 63 28.04 8.79 -6.05
C ALA E 63 29.37 8.49 -6.73
N LEU E 64 30.02 7.40 -6.32
CA LEU E 64 31.32 7.06 -6.91
C LEU E 64 31.10 6.21 -8.16
N ALA E 65 30.07 5.37 -8.11
CA ALA E 65 29.61 4.63 -9.30
C ALA E 65 29.42 5.62 -10.43
N LEU E 66 28.98 6.85 -10.11
CA LEU E 66 28.77 7.93 -11.11
C LEU E 66 29.97 8.80 -11.36
N CYS E 67 30.89 8.87 -10.42
CA CYS E 67 31.98 9.81 -10.58
C CYS E 67 33.14 9.24 -9.77
N PRO E 68 33.87 8.31 -10.36
CA PRO E 68 34.85 7.58 -9.56
C PRO E 68 35.97 8.47 -9.00
N HIS E 69 36.26 9.59 -9.65
CA HIS E 69 37.29 10.54 -9.19
C HIS E 69 36.80 11.51 -8.08
N LEU E 70 35.55 11.34 -7.68
CA LEU E 70 34.96 12.13 -6.60
C LEU E 70 35.91 12.27 -5.45
N THR E 71 36.11 13.48 -4.99
CA THR E 71 36.84 13.64 -3.73
C THR E 71 35.88 13.77 -2.55
N LEU E 72 36.05 12.89 -1.56
CA LEU E 72 35.12 12.87 -0.46
C LEU E 72 35.66 13.61 0.71
N LEU E 73 34.83 14.49 1.26
CA LEU E 73 35.25 15.30 2.38
C LEU E 73 34.30 15.06 3.54
N PRO E 74 34.86 15.10 4.77
CA PRO E 74 34.06 14.86 5.97
C PRO E 74 33.28 16.13 6.38
N GLY E 75 33.88 17.30 6.16
CA GLY E 75 33.19 18.57 6.35
C GLY E 75 33.48 19.17 7.68
N ARG E 76 33.50 20.51 7.70
CA ARG E 76 33.82 21.29 8.86
C ARG E 76 32.66 22.21 9.18
N PHE E 77 31.82 21.79 10.11
CA PHE E 77 30.65 22.59 10.48
C PHE E 77 30.90 23.97 11.10
N ASP E 78 32.05 24.18 11.72
CA ASP E 78 32.27 25.49 12.35
C ASP E 78 32.54 26.51 11.28
N ALA E 79 33.26 26.07 10.25
CA ALA E 79 33.47 26.84 9.07
C ALA E 79 32.14 27.28 8.41
N TYR E 80 31.20 26.36 8.30
CA TYR E 80 29.92 26.65 7.66
C TYR E 80 29.10 27.58 8.55
N LYS E 81 29.19 27.33 9.86
CA LYS E 81 28.46 28.08 10.86
C LYS E 81 28.98 29.51 10.89
N GLU E 82 30.30 29.65 10.77
CA GLU E 82 30.92 30.97 10.82
C GLU E 82 30.41 31.76 9.65
N ALA E 83 30.32 31.11 8.50
CA ALA E 83 29.81 31.75 7.32
C ALA E 83 28.38 32.14 7.57
N SER E 84 27.62 31.21 8.12
CA SER E 84 26.22 31.46 8.34
C SER E 84 26.06 32.72 9.14
N ASN E 85 26.65 32.76 10.32
CA ASN E 85 26.56 33.95 11.19
C ASN E 85 26.87 35.25 10.49
N HIS E 86 28.01 35.28 9.79
CA HIS E 86 28.37 36.40 8.94
C HIS E 86 27.19 36.81 8.03
N ILE E 87 26.69 35.90 7.20
CA ILE E 87 25.64 36.27 6.26
C ILE E 87 24.38 36.75 6.94
N ARG E 88 24.15 36.30 8.18
CA ARG E 88 22.97 36.76 8.91
C ARG E 88 23.24 38.14 9.42
N GLU E 89 24.48 38.45 9.82
CA GLU E 89 24.79 39.82 10.18
C GLU E 89 24.61 40.70 8.95
N ILE E 90 25.14 40.28 7.82
CA ILE E 90 24.92 41.03 6.58
C ILE E 90 23.43 41.28 6.32
N PHE E 91 22.58 40.27 6.53
CA PHE E 91 21.14 40.49 6.42
C PHE E 91 20.68 41.59 7.40
N SER E 92 21.26 41.59 8.58
CA SER E 92 20.81 42.45 9.64
C SER E 92 21.04 43.91 9.27
N ARG E 93 21.98 44.14 8.37
CA ARG E 93 22.27 45.49 7.95
C ARG E 93 21.13 46.07 7.15
N TYR E 94 20.22 45.23 6.66
CA TYR E 94 19.14 45.65 5.72
C TYR E 94 17.74 45.50 6.29
N THR E 95 17.55 44.56 7.20
CA THR E 95 16.28 44.42 7.91
C THR E 95 16.51 43.66 9.20
N SER E 96 15.49 43.65 10.04
CA SER E 96 15.54 42.85 11.24
C SER E 96 14.70 41.66 10.97
N ARG E 97 13.77 41.80 10.01
CA ARG E 97 12.77 40.78 9.65
C ARG E 97 13.40 39.64 8.83
N ILE E 98 14.06 38.72 9.55
CA ILE E 98 14.97 37.71 9.01
C ILE E 98 14.61 36.34 9.56
N GLU E 99 14.18 35.41 8.69
CA GLU E 99 13.79 34.04 9.14
C GLU E 99 14.68 33.00 8.48
N PRO E 100 15.74 32.59 9.19
CA PRO E 100 16.66 31.60 8.69
C PRO E 100 15.87 30.35 8.52
N LEU E 101 16.22 29.54 7.52
CA LEU E 101 15.60 28.23 7.34
C LEU E 101 16.65 27.15 7.60
N SER E 102 17.92 27.54 7.65
CA SER E 102 19.07 26.67 7.84
C SER E 102 20.35 27.50 7.93
N LEU E 103 21.51 26.86 7.80
CA LEU E 103 22.76 27.61 7.79
C LEU E 103 22.82 28.57 6.62
N ASP E 104 22.42 28.10 5.43
CA ASP E 104 22.63 28.85 4.17
C ASP E 104 21.44 29.65 3.64
N GLU E 105 20.30 29.52 4.26
CA GLU E 105 19.10 30.12 3.72
C GLU E 105 18.56 31.20 4.68
N ALA E 106 17.84 32.17 4.11
CA ALA E 106 17.01 33.04 4.92
C ALA E 106 15.91 33.71 4.10
N TYR E 107 14.75 33.88 4.72
CA TYR E 107 13.75 34.79 4.20
C TYR E 107 14.02 36.20 4.73
N LEU E 108 13.86 37.21 3.89
CA LEU E 108 13.87 38.60 4.36
C LEU E 108 12.55 39.25 3.95
N ASP E 109 11.94 40.01 4.85
CA ASP E 109 10.86 40.94 4.47
C ASP E 109 11.42 42.36 4.43
N VAL E 110 11.32 42.97 3.26
CA VAL E 110 11.99 44.23 2.96
C VAL E 110 10.98 45.30 2.59
N THR E 111 9.72 44.90 2.44
CA THR E 111 8.54 45.80 2.30
C THR E 111 8.67 47.19 2.95
N ASP E 112 8.88 47.21 4.26
CA ASP E 112 9.02 48.47 4.99
C ASP E 112 10.46 48.94 5.10
N SER E 113 11.31 48.54 4.17
CA SER E 113 12.65 49.05 4.18
C SER E 113 12.74 50.23 3.25
N VAL E 114 13.63 51.14 3.61
CA VAL E 114 13.87 52.37 2.86
C VAL E 114 15.29 52.40 2.32
N HIS E 115 15.96 51.24 2.31
CA HIS E 115 17.37 51.14 1.91
C HIS E 115 17.66 51.50 0.47
N CYS E 116 17.33 50.61 -0.46
CA CYS E 116 17.63 50.90 -1.85
C CYS E 116 16.40 51.34 -2.58
N HIS E 117 15.93 52.53 -2.21
CA HIS E 117 14.78 53.16 -2.84
C HIS E 117 13.65 52.16 -2.84
N GLY E 118 13.61 51.37 -1.75
CA GLY E 118 12.61 50.32 -1.55
C GLY E 118 12.62 49.26 -2.65
N SER E 119 13.75 49.18 -3.35
CA SER E 119 13.90 48.24 -4.43
C SER E 119 14.42 46.91 -3.93
N ALA E 120 13.50 45.96 -3.78
CA ALA E 120 13.82 44.64 -3.29
C ALA E 120 14.92 44.02 -4.16
N THR E 121 14.80 44.22 -5.47
CA THR E 121 15.79 43.76 -6.42
C THR E 121 17.17 44.33 -6.09
N LEU E 122 17.28 45.62 -5.90
CA LEU E 122 18.62 46.19 -5.61
C LEU E 122 19.14 45.75 -4.26
N ILE E 123 18.20 45.52 -3.34
CA ILE E 123 18.55 45.01 -2.02
C ILE E 123 19.19 43.61 -2.12
N ALA E 124 18.52 42.73 -2.85
CA ALA E 124 18.96 41.37 -2.97
C ALA E 124 20.31 41.38 -3.67
N GLN E 125 20.41 42.14 -4.76
CA GLN E 125 21.65 42.29 -5.48
C GLN E 125 22.78 42.84 -4.58
N GLU E 126 22.47 43.80 -3.73
CA GLU E 126 23.51 44.38 -2.87
C GLU E 126 23.94 43.41 -1.78
N ILE E 127 23.02 42.50 -1.47
CA ILE E 127 23.26 41.46 -0.48
C ILE E 127 24.10 40.33 -1.09
N ARG E 128 23.80 39.91 -2.33
CA ARG E 128 24.64 38.91 -3.01
C ARG E 128 26.07 39.45 -3.20
N GLN E 129 26.14 40.71 -3.62
CA GLN E 129 27.36 41.47 -3.46
C GLN E 129 27.49 41.72 -1.96
N THR E 130 28.71 42.03 -1.51
CA THR E 130 29.06 42.16 -0.06
C THR E 130 29.09 40.81 0.62
N ILE E 131 28.34 39.84 0.09
CA ILE E 131 28.49 38.45 0.52
C ILE E 131 29.66 37.85 -0.22
N PHE E 132 29.71 38.09 -1.53
CA PHE E 132 30.89 37.70 -2.31
C PHE E 132 32.12 38.46 -1.81
N ASN E 133 31.96 39.73 -1.48
CA ASN E 133 33.00 40.49 -0.80
C ASN E 133 32.99 40.03 0.66
N GLU E 134 34.11 40.17 1.35
CA GLU E 134 34.22 39.80 2.80
C GLU E 134 33.85 38.34 3.19
N LEU E 135 33.52 37.52 2.20
CA LEU E 135 33.39 36.09 2.43
C LEU E 135 34.01 35.28 1.29
N GLN E 136 34.17 35.91 0.13
CA GLN E 136 34.59 35.25 -1.09
C GLN E 136 33.73 34.02 -1.42
N LEU E 137 32.43 34.08 -1.10
CA LEU E 137 31.50 33.02 -1.51
C LEU E 137 30.34 33.59 -2.29
N THR E 138 29.54 32.71 -2.89
CA THR E 138 28.51 33.07 -3.88
C THR E 138 27.10 32.67 -3.48
N ALA E 139 26.17 33.61 -3.61
CA ALA E 139 24.78 33.45 -3.16
C ALA E 139 23.81 33.73 -4.27
N SER E 140 22.64 33.08 -4.21
CA SER E 140 21.58 33.32 -5.21
C SER E 140 20.37 33.85 -4.50
N ALA E 141 19.49 34.54 -5.23
CA ALA E 141 18.34 35.14 -4.57
C ALA E 141 17.05 35.05 -5.36
N GLY E 142 15.91 35.13 -4.66
CA GLY E 142 14.62 35.15 -5.34
C GLY E 142 13.73 36.19 -4.69
N VAL E 143 13.10 37.04 -5.51
CA VAL E 143 12.17 38.08 -5.05
C VAL E 143 10.73 37.82 -5.50
N ALA E 144 9.80 37.96 -4.57
CA ALA E 144 8.42 37.65 -4.83
C ALA E 144 7.49 38.29 -3.78
N PRO E 145 6.15 38.27 -4.00
CA PRO E 145 5.35 38.89 -2.95
C PRO E 145 5.07 37.94 -1.78
N VAL E 146 5.70 36.77 -1.78
CA VAL E 146 5.38 35.75 -0.79
C VAL E 146 6.56 34.80 -0.68
N LYS E 147 6.52 33.96 0.35
CA LYS E 147 7.65 33.13 0.74
C LYS E 147 7.95 32.10 -0.32
N PHE E 148 6.96 31.27 -0.66
CA PHE E 148 7.26 30.12 -1.51
C PHE E 148 7.70 30.50 -2.90
N LEU E 149 6.95 31.43 -3.51
CA LEU E 149 7.36 32.02 -4.78
C LEU E 149 8.77 32.57 -4.74
N ALA E 150 9.22 33.19 -3.65
CA ALA E 150 10.60 33.75 -3.63
C ALA E 150 11.55 32.61 -3.57
N LYS E 151 11.13 31.52 -2.91
CA LYS E 151 11.97 30.34 -2.78
C LYS E 151 12.16 29.67 -4.14
N ILE E 152 11.06 29.37 -4.83
CA ILE E 152 11.19 28.82 -6.17
C ILE E 152 12.05 29.74 -7.04
N ALA E 153 11.84 31.05 -6.97
CA ALA E 153 12.69 32.05 -7.70
C ALA E 153 14.19 32.03 -7.40
N SER E 154 14.55 31.66 -6.18
CA SER E 154 15.96 31.75 -5.83
C SER E 154 16.77 30.66 -6.54
N ASP E 155 16.10 29.62 -7.03
CA ASP E 155 16.86 28.54 -7.65
C ASP E 155 16.75 28.57 -9.17
N MET E 156 16.19 29.66 -9.68
CA MET E 156 16.02 29.83 -11.13
C MET E 156 17.23 30.40 -11.87
N ASN E 157 17.99 31.27 -11.22
CA ASN E 157 19.18 31.80 -11.81
C ASN E 157 20.38 31.49 -10.98
N LYS E 158 20.43 30.28 -10.45
CA LYS E 158 21.59 29.89 -9.67
C LYS E 158 22.56 29.14 -10.60
N PRO E 159 23.87 29.20 -10.33
CA PRO E 159 24.57 29.92 -9.26
C PRO E 159 24.78 31.38 -9.58
N ASN E 160 25.10 32.15 -8.54
CA ASN E 160 25.45 33.56 -8.70
C ASN E 160 24.48 34.33 -9.53
N GLY E 161 23.20 34.19 -9.25
CA GLY E 161 22.19 35.02 -9.87
C GLY E 161 20.94 35.22 -9.03
N GLN E 162 20.05 36.09 -9.48
CA GLN E 162 18.81 36.24 -8.79
C GLN E 162 17.65 36.30 -9.76
N PHE E 163 16.43 36.08 -9.28
CA PHE E 163 15.24 36.11 -10.12
C PHE E 163 14.09 36.80 -9.40
N VAL E 164 13.43 37.75 -10.08
CA VAL E 164 12.30 38.49 -9.51
C VAL E 164 10.99 38.08 -10.17
N ILE E 165 9.92 37.96 -9.36
CA ILE E 165 8.57 37.65 -9.82
C ILE E 165 7.69 38.74 -9.23
N THR E 166 7.18 39.60 -10.10
CA THR E 166 6.23 40.66 -9.70
C THR E 166 4.83 40.07 -9.68
N PRO E 167 3.89 40.79 -9.03
CA PRO E 167 2.53 40.21 -8.88
C PRO E 167 1.88 40.01 -10.24
N ALA E 168 2.29 40.85 -11.18
CA ALA E 168 1.74 40.76 -12.55
C ALA E 168 2.23 39.48 -13.29
N GLU E 169 3.43 39.01 -12.95
CA GLU E 169 3.97 37.80 -13.55
C GLU E 169 3.38 36.55 -12.91
N VAL E 170 2.83 36.69 -11.71
CA VAL E 170 2.52 35.54 -10.90
C VAL E 170 1.60 34.55 -11.62
N PRO E 171 0.49 35.05 -12.17
CA PRO E 171 -0.49 34.07 -12.64
C PRO E 171 0.08 33.22 -13.76
N ALA E 172 0.85 33.89 -14.61
CA ALA E 172 1.57 33.26 -15.73
C ALA E 172 2.53 32.20 -15.18
N PHE E 173 3.32 32.62 -14.20
CA PHE E 173 4.25 31.75 -13.52
C PHE E 173 3.65 30.47 -12.94
N LEU E 174 2.45 30.56 -12.40
CA LEU E 174 1.87 29.43 -11.71
C LEU E 174 1.31 28.41 -12.68
N GLN E 175 1.07 28.87 -13.91
CA GLN E 175 0.30 28.12 -14.83
C GLN E 175 1.00 26.83 -15.14
N THR E 176 2.29 26.93 -15.37
CA THR E 176 3.13 25.79 -15.76
C THR E 176 4.03 25.33 -14.63
N LEU E 177 3.82 25.92 -13.46
CA LEU E 177 4.61 25.58 -12.27
C LEU E 177 4.20 24.22 -11.73
N PRO E 178 5.11 23.25 -11.83
CA PRO E 178 4.81 21.88 -11.38
C PRO E 178 4.70 21.81 -9.85
N LEU E 179 3.69 21.10 -9.37
CA LEU E 179 3.43 21.01 -7.94
C LEU E 179 4.66 20.58 -7.09
N ALA E 180 5.59 19.87 -7.72
CA ALA E 180 6.68 19.25 -6.97
C ALA E 180 7.71 20.29 -6.66
N LYS E 181 7.58 21.45 -7.29
CA LYS E 181 8.50 22.53 -7.06
C LYS E 181 8.08 23.23 -5.78
N ILE E 182 6.84 23.01 -5.35
CA ILE E 182 6.38 23.69 -4.18
C ILE E 182 6.96 23.05 -2.95
N PRO E 183 7.70 23.84 -2.13
CA PRO E 183 8.26 23.32 -0.87
C PRO E 183 7.18 22.70 0.02
N GLY E 184 7.38 21.42 0.37
CA GLY E 184 6.37 20.66 1.14
C GLY E 184 5.69 19.58 0.33
N VAL E 185 5.97 19.56 -0.97
CA VAL E 185 5.52 18.51 -1.87
C VAL E 185 6.68 17.67 -2.33
N GLY E 186 7.09 16.69 -1.51
CA GLY E 186 8.10 15.71 -1.89
C GLY E 186 7.57 14.66 -2.86
N LYS E 187 8.29 13.53 -2.92
CA LYS E 187 8.04 12.46 -3.87
C LYS E 187 6.67 11.88 -3.70
N VAL E 188 6.29 11.56 -2.47
CA VAL E 188 5.08 10.79 -2.25
C VAL E 188 3.86 11.55 -2.72
N SER E 189 3.67 12.74 -2.17
CA SER E 189 2.57 13.65 -2.54
C SER E 189 2.56 13.88 -4.03
N ALA E 190 3.75 14.09 -4.60
CA ALA E 190 3.79 14.41 -6.03
C ALA E 190 3.21 13.22 -6.84
N ALA E 191 3.47 12.04 -6.31
CA ALA E 191 3.09 10.80 -6.91
C ALA E 191 1.57 10.59 -6.78
N LYS E 192 0.97 11.08 -5.69
CA LYS E 192 -0.47 10.90 -5.54
C LYS E 192 -1.10 11.86 -6.48
N LEU E 193 -0.60 13.07 -6.50
CA LEU E 193 -1.19 14.12 -7.32
C LEU E 193 -1.12 13.79 -8.81
N GLU E 194 0.03 13.27 -9.24
CA GLU E 194 0.22 12.77 -10.59
C GLU E 194 -0.80 11.69 -10.87
N ALA E 195 -1.00 10.79 -9.90
CA ALA E 195 -1.85 9.63 -10.09
C ALA E 195 -3.29 10.05 -10.23
N MET E 196 -3.60 11.27 -9.87
CA MET E 196 -4.95 11.80 -10.12
C MET E 196 -4.90 12.91 -11.16
N GLY E 197 -3.83 12.89 -11.95
CA GLY E 197 -3.67 13.85 -13.07
C GLY E 197 -3.24 15.28 -12.73
N LEU E 198 -2.72 15.49 -11.53
CA LEU E 198 -2.34 16.83 -11.13
C LEU E 198 -0.84 16.98 -11.24
N ARG E 199 -0.37 17.89 -12.09
CA ARG E 199 1.08 18.03 -12.22
C ARG E 199 1.51 19.44 -11.91
N THR E 200 0.77 20.43 -12.41
CA THR E 200 1.08 21.86 -12.17
C THR E 200 0.02 22.55 -11.33
N CYS E 201 0.34 23.75 -10.84
CA CYS E 201 -0.65 24.53 -10.16
C CYS E 201 -1.81 24.80 -11.12
N GLY E 202 -1.49 25.15 -12.38
CA GLY E 202 -2.53 25.25 -13.41
C GLY E 202 -3.58 24.15 -13.25
N ASP E 203 -3.12 22.92 -13.03
CA ASP E 203 -4.02 21.76 -13.00
C ASP E 203 -4.94 21.74 -11.79
N VAL E 204 -4.47 22.30 -10.67
CA VAL E 204 -5.24 22.30 -9.42
C VAL E 204 -6.19 23.50 -9.30
N GLN E 205 -5.85 24.60 -9.97
CA GLN E 205 -6.74 25.74 -9.98
C GLN E 205 -8.10 25.27 -10.46
N ALA E 206 -8.12 24.26 -11.34
CA ALA E 206 -9.40 23.74 -11.87
C ALA E 206 -10.06 22.72 -10.94
N CYS E 207 -9.56 22.59 -9.71
CA CYS E 207 -9.99 21.52 -8.79
C CYS E 207 -10.90 22.06 -7.73
N ASP E 208 -11.55 21.15 -7.02
CA ASP E 208 -12.46 21.57 -5.97
C ASP E 208 -11.84 21.46 -4.56
N LEU E 209 -11.85 22.58 -3.84
CA LEU E 209 -11.24 22.69 -2.52
C LEU E 209 -11.82 21.72 -1.53
N VAL E 210 -13.10 21.41 -1.68
CA VAL E 210 -13.77 20.47 -0.78
C VAL E 210 -13.12 19.11 -0.92
N MET E 211 -13.05 18.63 -2.17
CA MET E 211 -12.47 17.34 -2.47
C MET E 211 -11.01 17.29 -2.05
N LEU E 212 -10.28 18.37 -2.35
CA LEU E 212 -8.88 18.45 -1.97
C LEU E 212 -8.66 18.35 -0.46
N LEU E 213 -9.57 18.92 0.31
CA LEU E 213 -9.55 18.78 1.75
C LEU E 213 -9.92 17.35 2.16
N LYS E 214 -10.88 16.74 1.47
CA LYS E 214 -11.26 15.35 1.76
C LYS E 214 -10.08 14.41 1.53
N ARG E 215 -9.35 14.62 0.45
CA ARG E 215 -8.22 13.77 0.07
C ARG E 215 -6.93 13.99 0.87
N PHE E 216 -6.53 15.25 1.08
CA PHE E 216 -5.24 15.57 1.69
C PHE E 216 -5.36 16.30 3.02
N GLY E 217 -6.59 16.52 3.49
CA GLY E 217 -6.82 17.31 4.69
C GLY E 217 -6.24 18.71 4.53
N LYS E 218 -5.55 19.19 5.57
CA LYS E 218 -5.04 20.58 5.61
C LYS E 218 -4.01 20.84 4.55
N PHE E 219 -3.28 19.78 4.16
CA PHE E 219 -2.34 19.84 3.06
C PHE E 219 -2.98 20.18 1.71
N GLY E 220 -4.25 19.80 1.53
CA GLY E 220 -5.04 20.19 0.36
C GLY E 220 -5.24 21.70 0.29
N ARG E 221 -5.76 22.24 1.39
CA ARG E 221 -5.84 23.67 1.54
C ARG E 221 -4.54 24.33 1.18
N ILE E 222 -3.42 23.80 1.68
CA ILE E 222 -2.11 24.42 1.40
C ILE E 222 -1.86 24.47 -0.10
N LEU E 223 -1.92 23.30 -0.70
CA LEU E 223 -1.83 23.16 -2.14
C LEU E 223 -2.68 24.19 -2.85
N TRP E 224 -4.00 24.08 -2.71
CA TRP E 224 -4.92 25.04 -3.30
C TRP E 224 -4.44 26.50 -3.16
N GLU E 225 -3.97 26.86 -1.96
CA GLU E 225 -3.62 28.25 -1.74
C GLU E 225 -2.40 28.60 -2.52
N ARG E 226 -1.40 27.75 -2.40
CA ARG E 226 -0.12 28.03 -3.03
C ARG E 226 -0.27 28.12 -4.55
N SER E 227 -1.22 27.34 -5.07
CA SER E 227 -1.56 27.29 -6.48
C SER E 227 -2.19 28.58 -6.95
N GLN E 228 -2.99 29.19 -6.09
CA GLN E 228 -3.68 30.40 -6.40
C GLN E 228 -2.62 31.45 -6.26
N GLY E 229 -1.43 31.06 -5.82
CA GLY E 229 -0.38 32.05 -5.49
C GLY E 229 -0.45 32.60 -4.06
N ILE E 230 -1.40 32.10 -3.26
CA ILE E 230 -1.65 32.60 -1.93
C ILE E 230 -0.68 32.00 -0.92
N ASP E 231 -0.01 32.86 -0.14
CA ASP E 231 0.91 32.42 0.90
C ASP E 231 1.01 33.50 1.98
N GLU E 232 0.02 33.51 2.88
CA GLU E 232 -0.07 34.54 3.91
C GLU E 232 0.91 34.31 5.04
N ARG E 233 1.79 33.33 4.89
CA ARG E 233 2.80 33.02 5.88
C ARG E 233 3.67 34.24 6.07
N ASP E 234 3.69 34.76 7.29
CA ASP E 234 4.46 35.94 7.61
C ASP E 234 5.90 35.52 7.85
N VAL E 235 6.84 36.35 7.45
CA VAL E 235 8.22 36.10 7.80
C VAL E 235 8.31 36.28 9.29
N ASN E 236 9.06 35.42 9.97
CA ASN E 236 8.99 35.38 11.42
C ASN E 236 10.07 36.03 12.27
N SER E 237 11.25 35.43 12.27
CA SER E 237 12.38 35.90 13.09
C SER E 237 12.35 35.52 14.57
N GLU E 238 11.20 35.07 15.06
CA GLU E 238 11.03 34.72 16.49
C GLU E 238 11.19 33.21 16.79
N ARG E 239 11.39 32.40 15.74
CA ARG E 239 11.31 30.95 15.83
C ARG E 239 12.47 30.37 16.61
N LEU E 240 12.21 29.28 17.32
CA LEU E 240 13.15 28.70 18.25
C LEU E 240 13.25 27.21 18.11
N ARG E 241 14.42 26.68 18.40
CA ARG E 241 14.61 25.25 18.34
C ARG E 241 13.75 24.51 19.37
N LYS E 242 13.05 23.46 18.93
CA LYS E 242 12.15 22.68 19.79
C LYS E 242 12.70 21.36 20.32
N SER E 243 13.84 20.93 19.80
CA SER E 243 14.35 19.60 20.13
C SER E 243 15.79 19.43 19.75
N VAL E 244 16.41 18.36 20.24
CA VAL E 244 17.77 18.07 19.82
C VAL E 244 18.06 16.59 19.91
N GLY E 245 18.68 16.05 18.90
CA GLY E 245 19.05 14.68 19.02
C GLY E 245 20.37 14.42 18.38
N VAL E 246 20.92 13.25 18.71
CA VAL E 246 22.16 12.76 18.18
C VAL E 246 21.98 11.30 17.79
N GLU E 247 22.34 10.99 16.55
CA GLU E 247 22.21 9.63 16.06
C GLU E 247 23.41 9.19 15.25
N ARG E 248 23.51 7.87 15.05
CA ARG E 248 24.64 7.27 14.39
C ARG E 248 24.26 5.98 13.71
N THR E 249 24.76 5.80 12.49
CA THR E 249 24.70 4.55 11.75
C THR E 249 26.12 3.92 11.69
N MET E 250 26.25 2.68 12.15
CA MET E 250 27.57 2.06 12.10
C MET E 250 27.83 1.43 10.73
N ALA E 251 29.09 1.11 10.45
CA ALA E 251 29.45 0.55 9.16
C ALA E 251 28.73 -0.81 8.94
N GLU E 252 28.68 -1.67 9.97
CA GLU E 252 27.90 -2.92 9.86
C GLU E 252 26.81 -2.97 10.88
N ASP E 253 25.77 -3.71 10.55
CA ASP E 253 24.67 -3.76 11.44
C ASP E 253 25.15 -4.47 12.68
N ILE E 254 24.55 -4.10 13.81
CA ILE E 254 24.90 -4.73 15.06
C ILE E 254 23.75 -5.61 15.50
N HIS E 255 24.07 -6.70 16.21
CA HIS E 255 23.09 -7.71 16.57
C HIS E 255 22.98 -7.95 18.05
N HIS E 256 24.01 -7.54 18.81
CA HIS E 256 24.03 -7.66 20.28
C HIS E 256 23.83 -6.36 21.03
N TRP E 257 22.99 -6.44 22.06
CA TRP E 257 22.75 -5.34 22.96
C TRP E 257 24.04 -4.71 23.53
N SER E 258 25.03 -5.54 23.78
CA SER E 258 26.26 -5.03 24.32
C SER E 258 26.76 -3.96 23.36
N GLU E 259 26.59 -4.20 22.07
CA GLU E 259 27.11 -3.29 21.07
C GLU E 259 26.28 -2.03 21.02
N CYS E 260 24.98 -2.18 21.21
CA CYS E 260 24.04 -1.07 21.19
C CYS E 260 24.38 -0.15 22.35
N GLU E 261 24.70 -0.78 23.45
CA GLU E 261 25.05 -0.10 24.71
C GLU E 261 26.31 0.73 24.50
N ALA E 262 27.29 0.04 23.95
CA ALA E 262 28.57 0.60 23.58
C ALA E 262 28.40 1.87 22.71
N ILE E 263 27.29 1.90 21.97
CA ILE E 263 27.03 3.03 21.11
C ILE E 263 26.49 4.11 22.00
N ILE E 264 25.45 3.77 22.76
CA ILE E 264 24.84 4.78 23.59
C ILE E 264 25.86 5.53 24.47
N GLU E 265 26.81 4.78 24.98
CA GLU E 265 27.84 5.32 25.83
C GLU E 265 28.55 6.49 25.14
N ARG E 266 28.83 6.32 23.86
CA ARG E 266 29.51 7.30 23.05
C ARG E 266 28.63 8.43 22.58
N LEU E 267 27.33 8.17 22.40
CA LEU E 267 26.38 9.21 21.97
C LEU E 267 25.99 10.15 23.08
N TYR E 268 25.97 9.68 24.34
CA TYR E 268 25.41 10.52 25.42
C TYR E 268 26.24 11.81 25.70
N PRO E 269 27.57 11.68 25.84
CA PRO E 269 28.28 12.89 26.11
C PRO E 269 27.99 13.94 25.04
N GLU E 270 27.83 13.48 23.80
CA GLU E 270 27.60 14.41 22.70
C GLU E 270 26.34 15.15 22.94
N LEU E 271 25.30 14.39 23.28
CA LEU E 271 23.98 14.93 23.46
C LEU E 271 23.99 15.89 24.62
N GLU E 272 24.74 15.54 25.65
CA GLU E 272 24.90 16.41 26.83
C GLU E 272 25.55 17.75 26.53
N ARG E 273 26.70 17.72 25.89
CA ARG E 273 27.44 18.93 25.58
C ARG E 273 26.63 19.85 24.70
N ARG E 274 25.83 19.26 23.84
CA ARG E 274 25.07 20.05 22.89
C ARG E 274 23.89 20.71 23.57
N LEU E 275 23.30 19.99 24.51
CA LEU E 275 22.15 20.49 25.19
C LEU E 275 22.58 21.53 26.19
N ALA E 276 23.73 21.32 26.80
CA ALA E 276 24.30 22.31 27.73
C ALA E 276 24.42 23.68 27.06
N LYS E 277 24.91 23.69 25.81
CA LYS E 277 25.04 24.94 25.06
C LYS E 277 23.83 25.85 25.13
N VAL E 278 22.64 25.28 25.15
CA VAL E 278 21.40 26.08 25.18
C VAL E 278 20.60 25.87 26.44
N LYS E 279 21.02 24.92 27.28
CA LYS E 279 20.31 24.61 28.52
C LYS E 279 21.26 24.01 29.53
N PRO E 280 21.97 24.88 30.26
CA PRO E 280 23.06 24.40 31.11
C PRO E 280 22.56 23.54 32.25
N ASP E 281 21.39 23.85 32.80
CA ASP E 281 20.80 22.96 33.80
C ASP E 281 20.29 21.63 33.23
N LEU E 282 20.25 21.50 31.91
CA LEU E 282 19.97 20.25 31.24
C LEU E 282 18.49 19.87 31.40
N LEU E 283 17.64 20.86 31.61
CA LEU E 283 16.27 20.65 31.91
C LEU E 283 15.43 20.52 30.67
N ILE E 284 14.83 19.37 30.51
CA ILE E 284 14.09 19.06 29.26
C ILE E 284 12.64 18.70 29.55
N ALA E 285 11.84 18.56 28.50
CA ALA E 285 10.43 18.14 28.68
C ALA E 285 10.25 16.66 28.51
N ARG E 286 10.89 16.11 27.48
CA ARG E 286 10.84 14.67 27.17
C ARG E 286 12.20 14.23 26.68
N GLN E 287 12.71 13.08 27.11
CA GLN E 287 13.76 12.37 26.37
C GLN E 287 13.30 10.96 25.85
N GLY E 288 14.18 10.34 25.08
CA GLY E 288 13.92 9.09 24.44
C GLY E 288 14.96 8.68 23.41
N VAL E 289 14.72 7.54 22.76
CA VAL E 289 15.68 6.96 21.84
C VAL E 289 15.09 6.55 20.48
N LYS E 290 15.98 6.06 19.62
CA LYS E 290 15.65 5.70 18.29
C LYS E 290 16.57 4.59 17.77
N LEU E 291 15.92 3.51 17.28
CA LEU E 291 16.63 2.49 16.51
C LEU E 291 16.10 2.47 15.10
N LYS E 292 16.93 2.07 14.14
CA LYS E 292 16.42 1.69 12.85
C LYS E 292 17.11 0.43 12.38
N PHE E 293 16.27 -0.48 11.90
CA PHE E 293 16.69 -1.81 11.59
C PHE E 293 17.34 -2.05 10.21
N ASP E 294 17.28 -3.30 9.77
CA ASP E 294 17.74 -3.68 8.44
C ASP E 294 16.65 -3.48 7.41
N ASP E 295 15.43 -3.82 7.78
CA ASP E 295 14.24 -3.53 7.00
C ASP E 295 13.88 -2.06 7.19
N PHE E 296 14.90 -1.26 7.51
CA PHE E 296 14.80 0.18 7.58
C PHE E 296 13.68 0.81 8.36
N GLN E 297 12.75 0.00 8.86
CA GLN E 297 11.72 0.51 9.74
C GLN E 297 12.44 1.24 10.88
N GLN E 298 11.80 2.27 11.40
CA GLN E 298 12.41 3.09 12.42
C GLN E 298 11.43 3.23 13.57
N THR E 299 11.88 2.85 14.74
CA THR E 299 11.06 3.09 15.92
C THR E 299 11.71 4.11 16.86
N THR E 300 10.86 4.79 17.63
CA THR E 300 11.31 5.78 18.60
C THR E 300 10.53 5.63 19.86
N GLN E 301 11.23 5.65 20.99
CA GLN E 301 10.54 5.65 22.27
C GLN E 301 10.89 6.92 23.00
N GLU E 302 9.87 7.69 23.34
CA GLU E 302 10.11 8.93 24.00
C GLU E 302 9.05 9.14 25.02
N HIS E 303 9.45 9.57 26.20
CA HIS E 303 8.51 9.86 27.29
C HIS E 303 8.86 11.17 28.04
N VAL E 304 7.87 11.73 28.73
CA VAL E 304 8.09 12.85 29.61
C VAL E 304 9.22 12.57 30.58
N TRP E 305 10.14 13.52 30.78
CA TRP E 305 11.28 13.31 31.70
C TRP E 305 11.97 14.64 32.01
N PRO E 306 12.21 14.91 33.28
CA PRO E 306 12.58 16.26 33.77
C PRO E 306 13.95 16.81 33.31
N ARG E 307 14.92 15.92 33.19
CA ARG E 307 16.26 16.32 32.90
C ARG E 307 17.18 15.24 32.30
N LEU E 308 17.80 15.58 31.18
CA LEU E 308 18.64 14.63 30.48
C LEU E 308 19.30 13.67 31.41
N ASN E 309 18.91 12.40 31.31
CA ASN E 309 19.50 11.34 32.13
C ASN E 309 19.98 10.13 31.35
N LYS E 310 21.29 9.92 31.36
CA LYS E 310 21.90 8.75 30.70
C LYS E 310 21.31 7.35 30.99
N ALA E 311 21.11 6.99 32.25
CA ALA E 311 20.71 5.61 32.52
C ALA E 311 19.29 5.30 31.99
N ASP E 312 18.40 6.26 32.14
CA ASP E 312 17.09 6.13 31.61
C ASP E 312 17.11 5.89 30.09
N LEU E 313 18.01 6.59 29.41
CA LEU E 313 18.10 6.42 27.99
C LEU E 313 18.60 5.02 27.72
N ILE E 314 19.65 4.59 28.41
CA ILE E 314 20.09 3.20 28.32
C ILE E 314 18.96 2.14 28.59
N ALA E 315 18.18 2.36 29.64
CA ALA E 315 17.11 1.47 30.02
C ALA E 315 16.07 1.33 28.88
N THR E 316 15.46 2.45 28.55
CA THR E 316 14.47 2.51 27.51
C THR E 316 15.02 2.02 26.21
N ALA E 317 16.30 2.23 25.99
CA ALA E 317 16.94 1.65 24.79
C ALA E 317 17.04 0.10 24.84
N ARG E 318 17.15 -0.44 26.03
CA ARG E 318 17.19 -1.88 26.18
C ARG E 318 15.75 -2.42 25.97
N LYS E 319 14.74 -1.81 26.61
CA LYS E 319 13.35 -2.16 26.42
C LYS E 319 13.11 -2.22 24.92
N THR E 320 13.36 -1.09 24.25
CA THR E 320 13.17 -0.95 22.81
C THR E 320 13.83 -2.12 22.13
N TRP E 321 15.08 -2.36 22.47
CA TRP E 321 15.87 -3.41 21.82
C TRP E 321 15.23 -4.78 21.97
N ASP E 322 14.48 -4.96 23.05
CA ASP E 322 13.94 -6.27 23.29
C ASP E 322 12.62 -6.35 22.57
N GLU E 323 11.76 -5.39 22.94
CA GLU E 323 10.33 -5.47 22.67
C GLU E 323 10.02 -5.27 21.20
N ARG E 324 11.01 -4.93 20.37
CA ARG E 324 10.75 -4.69 18.97
C ARG E 324 11.94 -4.66 18.08
N ARG E 325 12.73 -5.71 18.12
CA ARG E 325 13.81 -5.85 17.16
C ARG E 325 13.64 -7.16 16.36
N GLY E 326 12.86 -8.09 16.95
CA GLY E 326 12.49 -9.32 16.31
C GLY E 326 13.62 -9.87 15.46
N GLY E 327 14.79 -9.95 16.06
CA GLY E 327 15.92 -10.51 15.37
C GLY E 327 16.53 -9.69 14.23
N ARG E 328 15.91 -8.57 13.85
CA ARG E 328 16.52 -7.75 12.77
C ARG E 328 17.89 -7.17 13.18
N GLY E 329 18.73 -6.94 12.18
CA GLY E 329 19.96 -6.15 12.36
C GLY E 329 19.67 -4.67 12.65
N VAL E 330 20.67 -3.98 13.20
CA VAL E 330 20.43 -2.59 13.58
C VAL E 330 21.54 -1.75 13.01
N ARG E 331 21.13 -0.66 12.35
CA ARG E 331 22.07 0.15 11.58
C ARG E 331 22.35 1.51 12.27
N LEU E 332 21.37 1.94 13.05
CA LEU E 332 21.50 3.19 13.76
C LEU E 332 20.86 3.21 15.10
N VAL E 333 21.62 3.80 16.02
CA VAL E 333 21.18 4.15 17.38
C VAL E 333 21.11 5.67 17.50
N GLY E 334 20.10 6.18 18.20
CA GLY E 334 19.95 7.59 18.30
C GLY E 334 19.36 7.99 19.61
N LEU E 335 19.93 9.04 20.24
CA LEU E 335 19.26 9.70 21.37
C LEU E 335 18.50 10.98 20.97
N HIS E 336 17.54 11.36 21.82
CA HIS E 336 16.68 12.51 21.58
C HIS E 336 16.08 13.18 22.83
N VAL E 337 15.96 14.51 22.79
CA VAL E 337 15.28 15.27 23.83
C VAL E 337 14.35 16.31 23.23
N THR E 338 13.24 16.57 23.90
CA THR E 338 12.28 17.59 23.50
C THR E 338 12.30 18.72 24.53
N LEU E 339 12.61 19.93 24.08
CA LEU E 339 12.97 21.05 24.95
C LEU E 339 11.73 21.55 25.59
N LEU E 340 11.85 22.30 26.68
CA LEU E 340 10.67 22.87 27.34
C LEU E 340 9.99 23.90 26.45
N ASP E 341 8.73 24.26 26.73
CA ASP E 341 7.85 25.01 25.81
C ASP E 341 8.02 26.53 25.72
N PRO E 342 8.96 27.14 26.49
CA PRO E 342 9.07 28.59 26.28
C PRO E 342 9.77 28.86 24.95
N GLY F 1 -45.15 -34.83 -1.07
CA GLY F 1 -44.32 -34.90 0.19
C GLY F 1 -42.89 -34.47 -0.03
N SER F 2 -42.15 -35.25 -0.85
CA SER F 2 -40.76 -34.97 -1.21
C SER F 2 -40.66 -33.70 -2.05
N ARG F 3 -39.48 -33.10 -2.07
CA ARG F 3 -39.29 -31.86 -2.81
C ARG F 3 -38.81 -32.11 -4.25
N LYS F 4 -39.09 -31.16 -5.12
CA LYS F 4 -38.50 -31.12 -6.45
C LYS F 4 -37.56 -29.91 -6.47
N ILE F 5 -36.25 -30.18 -6.41
CA ILE F 5 -35.24 -29.12 -6.49
C ILE F 5 -34.21 -29.34 -7.61
N ILE F 6 -33.78 -28.25 -8.23
CA ILE F 6 -32.82 -28.36 -9.31
C ILE F 6 -31.59 -27.45 -9.12
N HIS F 7 -30.44 -27.99 -9.46
CA HIS F 7 -29.21 -27.23 -9.46
C HIS F 7 -28.81 -26.92 -10.90
N VAL F 8 -28.41 -25.68 -11.18
CA VAL F 8 -27.90 -25.33 -12.49
C VAL F 8 -26.47 -24.79 -12.42
N ASP F 9 -25.55 -25.42 -13.15
CA ASP F 9 -24.15 -24.96 -13.31
C ASP F 9 -24.00 -24.48 -14.74
N MET F 10 -23.09 -23.55 -15.00
CA MET F 10 -22.84 -23.17 -16.36
C MET F 10 -21.65 -23.95 -16.80
N ASP F 11 -21.48 -24.07 -18.10
CA ASP F 11 -20.38 -24.86 -18.57
C ASP F 11 -19.22 -23.96 -18.91
N CYS F 12 -18.06 -24.27 -18.30
CA CYS F 12 -16.80 -23.53 -18.48
C CYS F 12 -17.07 -22.06 -18.48
N PHE F 13 -17.69 -21.61 -17.40
CA PHE F 13 -18.34 -20.33 -17.41
C PHE F 13 -17.51 -19.21 -18.04
N PHE F 14 -16.33 -18.90 -17.50
CA PHE F 14 -15.55 -17.78 -18.02
C PHE F 14 -15.08 -18.05 -19.43
N ALA F 15 -14.50 -19.22 -19.65
CA ALA F 15 -14.04 -19.62 -21.00
C ALA F 15 -15.13 -19.54 -22.08
N ALA F 16 -16.36 -19.90 -21.70
CA ALA F 16 -17.51 -19.93 -22.60
C ALA F 16 -17.88 -18.52 -23.04
N VAL F 17 -17.82 -17.59 -22.08
CA VAL F 17 -18.06 -16.17 -22.36
C VAL F 17 -17.02 -15.63 -23.34
N GLU F 18 -15.74 -15.87 -23.07
CA GLU F 18 -14.71 -15.41 -23.99
C GLU F 18 -14.87 -16.09 -25.35
N MET F 19 -15.22 -17.39 -25.34
CA MET F 19 -15.49 -18.14 -26.57
C MET F 19 -16.63 -17.52 -27.39
N ARG F 20 -17.72 -17.20 -26.69
CA ARG F 20 -18.87 -16.57 -27.32
C ARG F 20 -18.45 -15.29 -28.06
N ASP F 21 -17.65 -14.46 -27.40
CA ASP F 21 -17.30 -13.13 -27.91
C ASP F 21 -16.09 -13.14 -28.86
N ASN F 22 -15.29 -14.20 -28.80
CA ASN F 22 -14.19 -14.39 -29.73
C ASN F 22 -14.14 -15.82 -30.29
N PRO F 23 -14.85 -16.06 -31.42
CA PRO F 23 -15.04 -17.40 -31.98
C PRO F 23 -13.76 -18.08 -32.42
N ALA F 24 -12.67 -17.31 -32.59
CA ALA F 24 -11.37 -17.89 -32.94
C ALA F 24 -10.73 -18.66 -31.77
N LEU F 25 -11.37 -18.61 -30.61
CA LEU F 25 -10.85 -19.27 -29.41
C LEU F 25 -11.43 -20.65 -29.15
N ARG F 26 -12.52 -21.00 -29.85
CA ARG F 26 -13.26 -22.24 -29.63
C ARG F 26 -12.39 -23.51 -29.58
N ASP F 27 -11.75 -23.80 -30.71
CA ASP F 27 -11.04 -25.07 -30.91
C ASP F 27 -9.59 -25.02 -30.40
N ILE F 28 -9.23 -23.92 -29.75
CA ILE F 28 -7.90 -23.75 -29.15
C ILE F 28 -7.99 -23.78 -27.61
N PRO F 29 -7.01 -24.43 -26.94
CA PRO F 29 -6.87 -24.33 -25.48
C PRO F 29 -6.75 -22.88 -24.98
N ILE F 30 -7.75 -22.45 -24.23
CA ILE F 30 -7.72 -21.14 -23.62
C ILE F 30 -8.04 -21.29 -22.15
N ALA F 31 -7.50 -20.34 -21.36
CA ALA F 31 -7.74 -20.27 -19.92
C ALA F 31 -7.85 -18.81 -19.45
N ILE F 32 -8.59 -18.61 -18.36
CA ILE F 32 -8.62 -17.34 -17.65
C ILE F 32 -7.77 -17.48 -16.40
N GLY F 33 -6.81 -16.58 -16.24
CA GLY F 33 -5.90 -16.56 -15.08
C GLY F 33 -4.70 -15.62 -15.24
N GLY F 34 -3.97 -15.43 -14.14
CA GLY F 34 -2.77 -14.60 -14.14
C GLY F 34 -1.55 -15.38 -14.58
N SER F 35 -0.56 -14.65 -15.12
CA SER F 35 0.65 -15.24 -15.69
C SER F 35 1.54 -15.84 -14.64
N ARG F 36 2.60 -16.51 -15.09
CA ARG F 36 3.64 -17.01 -14.19
C ARG F 36 4.47 -15.79 -13.74
N GLU F 37 4.49 -14.77 -14.58
CA GLU F 37 4.96 -13.42 -14.24
C GLU F 37 4.38 -13.01 -12.87
N ARG F 38 3.06 -12.86 -12.80
CA ARG F 38 2.39 -12.30 -11.63
C ARG F 38 2.16 -13.39 -10.59
N ARG F 39 2.83 -14.53 -10.74
CA ARG F 39 2.65 -15.63 -9.80
C ARG F 39 1.18 -16.03 -9.61
N GLY F 40 0.50 -16.34 -10.70
CA GLY F 40 -0.91 -16.57 -10.63
C GLY F 40 -1.38 -17.96 -11.01
N VAL F 41 -2.67 -18.18 -10.87
CA VAL F 41 -3.25 -19.48 -11.14
C VAL F 41 -4.35 -19.41 -12.20
N ILE F 42 -4.84 -20.58 -12.63
CA ILE F 42 -5.94 -20.66 -13.56
C ILE F 42 -7.30 -20.62 -12.89
N SER F 43 -8.14 -19.70 -13.34
CA SER F 43 -9.52 -19.60 -12.89
C SER F 43 -10.35 -20.77 -13.47
N THR F 44 -10.37 -20.86 -14.79
CA THR F 44 -10.93 -22.00 -15.44
C THR F 44 -10.27 -22.17 -16.79
N ALA F 45 -10.62 -23.27 -17.46
CA ALA F 45 -10.13 -23.61 -18.80
C ALA F 45 -11.20 -24.28 -19.64
N ASN F 46 -11.07 -24.17 -20.96
CA ASN F 46 -11.98 -24.81 -21.87
C ASN F 46 -11.60 -26.29 -22.08
N TYR F 47 -12.53 -27.05 -22.70
CA TYR F 47 -12.34 -28.48 -22.87
C TYR F 47 -11.11 -28.87 -23.66
N PRO F 48 -10.76 -28.10 -24.72
CA PRO F 48 -9.47 -28.28 -25.40
C PRO F 48 -8.28 -28.22 -24.41
N ALA F 49 -8.34 -27.30 -23.45
CA ALA F 49 -7.29 -27.17 -22.44
C ALA F 49 -7.35 -28.28 -21.41
N ARG F 50 -8.56 -28.60 -20.96
CA ARG F 50 -8.77 -29.65 -19.95
C ARG F 50 -8.28 -31.01 -20.41
N LYS F 51 -8.36 -31.26 -21.72
CA LYS F 51 -7.80 -32.45 -22.34
C LYS F 51 -6.35 -32.65 -21.92
N PHE F 52 -5.61 -31.53 -21.78
CA PHE F 52 -4.19 -31.56 -21.40
C PHE F 52 -3.97 -31.68 -19.90
N GLY F 53 -5.01 -31.38 -19.14
CA GLY F 53 -4.96 -31.70 -17.73
C GLY F 53 -4.88 -30.43 -16.93
N VAL F 54 -5.08 -29.34 -17.63
CA VAL F 54 -5.16 -28.03 -17.00
C VAL F 54 -6.49 -27.87 -16.29
N ARG F 55 -6.44 -27.32 -15.08
CA ARG F 55 -7.59 -27.23 -14.21
C ARG F 55 -7.67 -25.85 -13.55
N SER F 56 -8.74 -25.65 -12.80
CA SER F 56 -8.86 -24.55 -11.93
C SER F 56 -7.96 -24.71 -10.75
N ALA F 57 -7.53 -23.56 -10.20
CA ALA F 57 -6.68 -23.54 -9.00
C ALA F 57 -5.25 -23.95 -9.33
N MET F 58 -5.02 -24.36 -10.56
CA MET F 58 -3.71 -24.79 -11.00
C MET F 58 -2.80 -23.57 -11.19
N PRO F 59 -1.56 -23.67 -10.71
CA PRO F 59 -0.56 -22.67 -11.01
C PRO F 59 -0.31 -22.57 -12.48
N THR F 60 -0.62 -21.43 -13.08
CA THR F 60 -0.28 -21.12 -14.48
C THR F 60 1.08 -21.64 -15.04
N GLY F 61 2.05 -21.86 -14.15
CA GLY F 61 3.33 -22.39 -14.59
C GLY F 61 3.22 -23.83 -14.99
N MET F 62 2.67 -24.61 -14.07
CA MET F 62 2.38 -26.01 -14.34
C MET F 62 1.36 -26.22 -15.49
N ALA F 63 0.38 -25.33 -15.62
CA ALA F 63 -0.61 -25.36 -16.70
C ALA F 63 0.01 -25.13 -18.07
N LEU F 64 1.20 -24.55 -18.08
CA LEU F 64 1.92 -24.28 -19.32
C LEU F 64 2.89 -25.39 -19.65
N ALA F 65 3.51 -25.96 -18.62
CA ALA F 65 4.28 -27.19 -18.74
C ALA F 65 3.41 -28.32 -19.31
N LEU F 66 2.10 -28.24 -19.10
CA LEU F 66 1.16 -29.25 -19.54
C LEU F 66 0.52 -28.89 -20.86
N CYS F 67 0.43 -27.60 -21.14
CA CYS F 67 -0.14 -27.13 -22.40
C CYS F 67 0.52 -25.80 -22.85
N PRO F 68 1.69 -25.90 -23.52
CA PRO F 68 2.42 -24.70 -23.95
C PRO F 68 1.60 -23.78 -24.84
N HIS F 69 0.62 -24.33 -25.56
CA HIS F 69 -0.17 -23.56 -26.53
C HIS F 69 -1.39 -22.93 -25.90
N LEU F 70 -1.45 -23.03 -24.56
CA LEU F 70 -2.45 -22.34 -23.79
C LEU F 70 -2.46 -20.85 -24.07
N THR F 71 -3.66 -20.33 -24.34
CA THR F 71 -3.88 -18.91 -24.52
C THR F 71 -4.40 -18.41 -23.20
N LEU F 72 -3.67 -17.49 -22.58
CA LEU F 72 -4.08 -16.98 -21.28
C LEU F 72 -4.80 -15.66 -21.41
N LEU F 73 -5.87 -15.52 -20.64
CA LEU F 73 -6.71 -14.33 -20.64
C LEU F 73 -6.77 -13.73 -19.25
N PRO F 74 -6.80 -12.39 -19.16
CA PRO F 74 -6.95 -11.74 -17.86
C PRO F 74 -8.36 -11.88 -17.32
N GLY F 75 -9.31 -12.23 -18.19
CA GLY F 75 -10.72 -12.38 -17.82
C GLY F 75 -11.43 -11.05 -17.75
N ARG F 76 -12.68 -11.01 -18.22
CA ARG F 76 -13.47 -9.78 -18.19
C ARG F 76 -14.66 -9.92 -17.26
N PHE F 77 -14.47 -9.56 -15.99
CA PHE F 77 -15.49 -9.73 -14.95
C PHE F 77 -16.88 -9.17 -15.29
N ASP F 78 -16.94 -7.88 -15.62
CA ASP F 78 -18.23 -7.23 -15.96
C ASP F 78 -19.11 -8.09 -16.88
N ALA F 79 -18.48 -8.70 -17.88
CA ALA F 79 -19.18 -9.61 -18.79
C ALA F 79 -19.82 -10.76 -18.03
N TYR F 80 -19.02 -11.40 -17.18
CA TYR F 80 -19.43 -12.54 -16.36
C TYR F 80 -20.57 -12.15 -15.44
N LYS F 81 -20.56 -10.90 -14.99
CA LYS F 81 -21.62 -10.41 -14.11
C LYS F 81 -22.89 -10.05 -14.86
N GLU F 82 -22.77 -9.63 -16.13
CA GLU F 82 -23.94 -9.47 -17.02
C GLU F 82 -24.67 -10.80 -17.14
N ALA F 83 -23.97 -11.78 -17.74
CA ALA F 83 -24.40 -13.15 -17.83
C ALA F 83 -25.08 -13.64 -16.55
N SER F 84 -24.40 -13.47 -15.42
CA SER F 84 -24.90 -13.91 -14.12
C SER F 84 -26.28 -13.33 -13.79
N ASN F 85 -26.46 -12.03 -14.03
CA ASN F 85 -27.73 -11.37 -13.72
C ASN F 85 -28.81 -11.85 -14.65
N HIS F 86 -28.41 -12.09 -15.89
CA HIS F 86 -29.34 -12.53 -16.91
C HIS F 86 -29.91 -13.89 -16.54
N ILE F 87 -29.02 -14.84 -16.23
CA ILE F 87 -29.46 -16.18 -15.82
C ILE F 87 -30.31 -16.13 -14.56
N ARG F 88 -29.99 -15.19 -13.68
CA ARG F 88 -30.71 -15.05 -12.43
C ARG F 88 -32.14 -14.61 -12.71
N GLU F 89 -32.32 -13.73 -13.70
CA GLU F 89 -33.64 -13.30 -14.17
C GLU F 89 -34.37 -14.53 -14.66
N ILE F 90 -33.65 -15.30 -15.46
CA ILE F 90 -34.22 -16.46 -16.09
C ILE F 90 -34.84 -17.37 -15.04
N PHE F 91 -34.16 -17.57 -13.92
CA PHE F 91 -34.71 -18.38 -12.83
C PHE F 91 -35.94 -17.73 -12.23
N SER F 92 -35.90 -16.41 -12.12
CA SER F 92 -36.96 -15.67 -11.45
C SER F 92 -38.26 -15.85 -12.20
N ARG F 93 -38.15 -16.13 -13.49
CA ARG F 93 -39.33 -16.41 -14.30
C ARG F 93 -40.09 -17.62 -13.79
N TYR F 94 -39.35 -18.65 -13.34
CA TYR F 94 -39.95 -19.93 -12.97
C TYR F 94 -40.23 -20.10 -11.49
N THR F 95 -39.53 -19.34 -10.65
CA THR F 95 -39.75 -19.39 -9.21
C THR F 95 -39.05 -18.24 -8.47
N SER F 96 -39.62 -17.91 -7.33
CA SER F 96 -39.08 -16.87 -6.46
C SER F 96 -38.00 -17.44 -5.54
N ARG F 97 -37.84 -18.77 -5.56
CA ARG F 97 -36.91 -19.45 -4.65
C ARG F 97 -35.61 -19.80 -5.35
N ILE F 98 -34.65 -18.90 -5.22
CA ILE F 98 -33.38 -18.99 -5.94
C ILE F 98 -32.24 -18.84 -4.92
N GLU F 99 -31.32 -19.80 -4.90
CA GLU F 99 -30.14 -19.70 -4.07
C GLU F 99 -28.89 -19.69 -4.95
N PRO F 100 -28.39 -18.49 -5.28
CA PRO F 100 -27.21 -18.43 -6.12
C PRO F 100 -26.05 -18.80 -5.21
N LEU F 101 -25.23 -19.77 -5.63
CA LEU F 101 -24.08 -20.19 -4.84
C LEU F 101 -22.83 -19.51 -5.39
N SER F 102 -23.00 -18.72 -6.45
CA SER F 102 -21.91 -18.25 -7.26
C SER F 102 -22.55 -17.43 -8.34
N LEU F 103 -21.76 -16.96 -9.29
CA LEU F 103 -22.32 -16.31 -10.48
C LEU F 103 -23.04 -17.34 -11.39
N ASP F 104 -22.40 -18.49 -11.60
CA ASP F 104 -22.82 -19.49 -12.60
C ASP F 104 -23.57 -20.69 -12.00
N GLU F 105 -23.98 -20.57 -10.74
CA GLU F 105 -24.60 -21.66 -10.05
C GLU F 105 -25.82 -21.19 -9.28
N ALA F 106 -26.88 -21.99 -9.32
CA ALA F 106 -28.13 -21.75 -8.57
C ALA F 106 -28.80 -23.04 -8.12
N TYR F 107 -29.45 -23.01 -6.96
CA TYR F 107 -30.42 -24.01 -6.58
C TYR F 107 -31.81 -23.44 -6.90
N LEU F 108 -32.79 -24.30 -7.19
CA LEU F 108 -34.21 -23.86 -7.29
C LEU F 108 -35.10 -24.84 -6.56
N ASP F 109 -36.26 -24.38 -6.08
CA ASP F 109 -37.25 -25.24 -5.43
C ASP F 109 -38.57 -25.30 -6.21
N VAL F 110 -38.63 -26.13 -7.26
CA VAL F 110 -39.79 -26.16 -8.13
C VAL F 110 -40.85 -27.11 -7.62
N THR F 111 -40.87 -27.36 -6.32
CA THR F 111 -41.86 -28.25 -5.76
C THR F 111 -43.26 -27.69 -5.95
N ASP F 112 -43.46 -26.48 -5.43
CA ASP F 112 -44.76 -25.81 -5.48
C ASP F 112 -44.98 -25.13 -6.82
N SER F 113 -44.08 -25.37 -7.76
CA SER F 113 -44.23 -24.78 -9.08
C SER F 113 -45.34 -25.43 -9.90
N VAL F 114 -45.96 -24.58 -10.70
CA VAL F 114 -47.13 -24.90 -11.48
C VAL F 114 -46.75 -24.95 -12.95
N HIS F 115 -45.52 -24.54 -13.23
CA HIS F 115 -45.09 -24.15 -14.58
C HIS F 115 -45.23 -25.15 -15.72
N CYS F 116 -44.84 -26.41 -15.49
CA CYS F 116 -44.92 -27.41 -16.54
C CYS F 116 -45.52 -28.69 -16.01
N HIS F 117 -46.82 -28.68 -15.76
CA HIS F 117 -47.54 -29.81 -15.15
C HIS F 117 -46.87 -30.35 -13.88
N GLY F 118 -46.21 -29.45 -13.15
CA GLY F 118 -45.48 -29.79 -11.92
C GLY F 118 -44.25 -30.66 -12.10
N SER F 119 -43.82 -30.85 -13.36
CA SER F 119 -42.59 -31.60 -13.69
C SER F 119 -41.37 -30.79 -13.32
N ALA F 120 -40.23 -31.46 -13.20
CA ALA F 120 -39.03 -30.76 -12.86
C ALA F 120 -38.10 -30.85 -14.04
N THR F 121 -38.06 -32.03 -14.64
CA THR F 121 -37.21 -32.31 -15.77
C THR F 121 -37.45 -31.32 -16.88
N LEU F 122 -38.72 -30.98 -17.07
CA LEU F 122 -39.09 -30.19 -18.20
C LEU F 122 -38.65 -28.76 -18.00
N ILE F 123 -38.94 -28.25 -16.81
CA ILE F 123 -38.51 -26.89 -16.43
C ILE F 123 -37.02 -26.69 -16.67
N ALA F 124 -36.24 -27.60 -16.12
CA ALA F 124 -34.80 -27.61 -16.31
C ALA F 124 -34.45 -27.52 -17.78
N GLN F 125 -35.10 -28.33 -18.61
CA GLN F 125 -34.80 -28.36 -20.04
C GLN F 125 -35.03 -27.01 -20.70
N GLU F 126 -36.13 -26.37 -20.31
CA GLU F 126 -36.45 -25.07 -20.88
C GLU F 126 -35.83 -23.94 -20.08
N ILE F 127 -35.10 -24.29 -19.02
CA ILE F 127 -34.23 -23.30 -18.39
C ILE F 127 -32.89 -23.30 -19.11
N ARG F 128 -32.34 -24.48 -19.33
CA ARG F 128 -31.13 -24.59 -20.12
C ARG F 128 -31.37 -23.99 -21.51
N GLN F 129 -32.50 -24.32 -22.12
CA GLN F 129 -33.01 -23.58 -23.28
C GLN F 129 -33.44 -22.22 -22.79
N THR F 130 -33.51 -21.26 -23.72
CA THR F 130 -33.74 -19.84 -23.39
C THR F 130 -32.54 -19.28 -22.64
N ILE F 131 -31.57 -20.16 -22.41
CA ILE F 131 -30.24 -19.78 -21.95
C ILE F 131 -29.27 -19.96 -23.12
N PHE F 132 -29.41 -21.07 -23.85
CA PHE F 132 -28.62 -21.25 -25.06
C PHE F 132 -28.98 -20.18 -26.08
N ASN F 133 -30.28 -19.97 -26.25
CA ASN F 133 -30.77 -18.79 -26.94
C ASN F 133 -31.03 -17.73 -25.89
N GLU F 134 -31.16 -16.47 -26.32
CA GLU F 134 -31.42 -15.35 -25.41
C GLU F 134 -30.17 -14.94 -24.64
N LEU F 135 -29.16 -15.79 -24.69
CA LEU F 135 -27.94 -15.58 -23.91
C LEU F 135 -26.73 -16.15 -24.62
N GLN F 136 -26.96 -17.08 -25.54
CA GLN F 136 -25.89 -17.65 -26.36
C GLN F 136 -24.83 -18.42 -25.54
N LEU F 137 -25.25 -19.05 -24.45
CA LEU F 137 -24.36 -19.81 -23.56
C LEU F 137 -25.01 -21.10 -23.06
N THR F 138 -24.19 -22.13 -22.84
CA THR F 138 -24.70 -23.46 -22.44
C THR F 138 -24.60 -23.72 -20.94
N ALA F 139 -25.44 -24.64 -20.45
CA ALA F 139 -25.58 -24.91 -19.04
C ALA F 139 -26.03 -26.33 -18.79
N SER F 140 -25.74 -26.83 -17.60
CA SER F 140 -26.08 -28.17 -17.19
C SER F 140 -26.91 -28.14 -15.91
N ALA F 141 -27.58 -29.25 -15.62
CA ALA F 141 -28.55 -29.27 -14.54
C ALA F 141 -28.70 -30.62 -13.90
N GLY F 142 -29.21 -30.59 -12.67
CA GLY F 142 -29.45 -31.78 -11.91
C GLY F 142 -30.74 -31.60 -11.13
N VAL F 143 -31.56 -32.65 -11.11
CA VAL F 143 -32.82 -32.59 -10.46
C VAL F 143 -32.88 -33.73 -9.47
N ALA F 144 -33.16 -33.41 -8.23
CA ALA F 144 -33.21 -34.44 -7.19
C ALA F 144 -34.11 -34.00 -6.00
N PRO F 145 -34.42 -34.93 -5.07
CA PRO F 145 -35.17 -34.57 -3.86
C PRO F 145 -34.48 -33.54 -2.95
N VAL F 146 -33.15 -33.56 -2.93
CA VAL F 146 -32.37 -32.85 -1.95
C VAL F 146 -31.29 -32.10 -2.69
N LYS F 147 -30.58 -31.26 -1.96
CA LYS F 147 -29.65 -30.31 -2.54
C LYS F 147 -28.42 -30.96 -3.08
N PHE F 148 -27.78 -31.78 -2.26
CA PHE F 148 -26.49 -32.32 -2.62
C PHE F 148 -26.62 -33.28 -3.78
N LEU F 149 -27.73 -34.01 -3.82
CA LEU F 149 -28.00 -34.84 -4.96
C LEU F 149 -28.26 -33.98 -6.18
N ALA F 150 -29.04 -32.95 -6.07
CA ALA F 150 -29.25 -32.13 -7.23
C ALA F 150 -27.92 -31.54 -7.72
N LYS F 151 -27.01 -31.19 -6.79
CA LYS F 151 -25.67 -30.75 -7.15
C LYS F 151 -24.92 -31.86 -7.89
N ILE F 152 -24.77 -33.03 -7.27
CA ILE F 152 -24.09 -34.17 -7.93
C ILE F 152 -24.59 -34.48 -9.35
N ALA F 153 -25.90 -34.44 -9.52
CA ALA F 153 -26.51 -34.81 -10.79
C ALA F 153 -26.21 -33.75 -11.84
N SER F 154 -26.04 -32.51 -11.38
CA SER F 154 -25.76 -31.41 -12.30
C SER F 154 -24.44 -31.58 -13.03
N ASP F 155 -23.53 -32.36 -12.41
CA ASP F 155 -22.18 -32.55 -12.91
C ASP F 155 -22.11 -33.79 -13.82
N MET F 156 -23.01 -34.75 -13.60
CA MET F 156 -22.90 -36.01 -14.29
C MET F 156 -23.07 -35.92 -15.81
N ASN F 157 -23.93 -35.02 -16.26
CA ASN F 157 -24.12 -34.84 -17.68
C ASN F 157 -23.53 -33.59 -18.25
N LYS F 158 -22.38 -33.18 -17.72
CA LYS F 158 -21.69 -32.00 -18.25
C LYS F 158 -20.85 -32.43 -19.42
N PRO F 159 -20.73 -31.55 -20.42
CA PRO F 159 -21.37 -30.24 -20.52
C PRO F 159 -22.71 -30.32 -21.21
N ASN F 160 -23.47 -29.23 -21.15
CA ASN F 160 -24.71 -29.11 -21.90
C ASN F 160 -25.64 -30.32 -21.79
N GLY F 161 -25.88 -30.77 -20.57
CA GLY F 161 -26.72 -31.93 -20.37
C GLY F 161 -27.38 -31.83 -19.02
N GLN F 162 -28.27 -32.75 -18.72
CA GLN F 162 -28.90 -32.76 -17.41
C GLN F 162 -29.07 -34.20 -16.96
N PHE F 163 -29.43 -34.43 -15.71
CA PHE F 163 -29.64 -35.78 -15.20
C PHE F 163 -30.62 -35.71 -14.04
N VAL F 164 -31.47 -36.73 -13.94
CA VAL F 164 -32.52 -36.72 -12.93
C VAL F 164 -32.47 -37.90 -11.97
N ILE F 165 -32.81 -37.63 -10.71
CA ILE F 165 -32.92 -38.66 -9.69
C ILE F 165 -34.31 -38.55 -9.03
N THR F 166 -35.11 -39.57 -9.25
CA THR F 166 -36.41 -39.67 -8.61
C THR F 166 -36.13 -40.20 -7.22
N PRO F 167 -37.01 -39.88 -6.27
CA PRO F 167 -36.94 -40.47 -4.94
C PRO F 167 -36.67 -41.99 -5.00
N ALA F 168 -37.29 -42.69 -5.93
CA ALA F 168 -37.13 -44.13 -5.98
C ALA F 168 -35.73 -44.55 -6.43
N GLU F 169 -35.07 -43.70 -7.22
CA GLU F 169 -33.72 -44.01 -7.69
C GLU F 169 -32.63 -43.85 -6.59
N VAL F 170 -32.81 -42.87 -5.71
CA VAL F 170 -31.78 -42.54 -4.73
C VAL F 170 -31.06 -43.71 -4.01
N PRO F 171 -31.78 -44.70 -3.53
CA PRO F 171 -31.00 -45.62 -2.71
C PRO F 171 -30.00 -46.42 -3.51
N ALA F 172 -30.32 -46.70 -4.77
CA ALA F 172 -29.46 -47.50 -5.64
C ALA F 172 -28.28 -46.68 -6.09
N PHE F 173 -28.54 -45.39 -6.25
CA PHE F 173 -27.56 -44.35 -6.58
C PHE F 173 -26.49 -44.17 -5.46
N LEU F 174 -26.98 -43.78 -4.27
CA LEU F 174 -26.23 -43.80 -3.05
C LEU F 174 -25.30 -44.99 -2.84
N GLN F 175 -25.78 -46.18 -3.14
CA GLN F 175 -25.07 -47.40 -2.75
C GLN F 175 -23.61 -47.46 -3.20
N THR F 176 -23.38 -47.12 -4.47
CA THR F 176 -22.02 -47.14 -5.05
C THR F 176 -21.37 -45.75 -5.19
N LEU F 177 -22.01 -44.73 -4.64
CA LEU F 177 -21.58 -43.36 -4.86
C LEU F 177 -20.28 -43.03 -4.08
N PRO F 178 -19.22 -42.64 -4.81
CA PRO F 178 -17.96 -42.28 -4.17
C PRO F 178 -18.11 -41.07 -3.26
N LEU F 179 -17.68 -41.21 -2.02
CA LEU F 179 -17.78 -40.13 -1.03
C LEU F 179 -17.16 -38.79 -1.45
N ALA F 180 -16.10 -38.85 -2.26
CA ALA F 180 -15.45 -37.67 -2.87
C ALA F 180 -16.35 -36.81 -3.72
N LYS F 181 -17.47 -37.40 -4.17
CA LYS F 181 -18.41 -36.73 -5.06
C LYS F 181 -19.34 -35.85 -4.25
N ILE F 182 -19.52 -36.16 -2.96
CA ILE F 182 -20.34 -35.37 -2.01
C ILE F 182 -19.73 -33.98 -1.75
N PRO F 183 -20.48 -32.91 -2.07
CA PRO F 183 -19.96 -31.54 -1.89
C PRO F 183 -19.54 -31.31 -0.43
N GLY F 184 -18.39 -30.64 -0.21
CA GLY F 184 -17.78 -30.54 1.11
C GLY F 184 -16.80 -31.67 1.47
N VAL F 185 -16.70 -32.70 0.64
CA VAL F 185 -15.70 -33.73 0.90
C VAL F 185 -14.58 -33.52 -0.09
N GLY F 186 -13.46 -33.00 0.40
CA GLY F 186 -12.36 -32.63 -0.45
C GLY F 186 -11.29 -33.67 -0.33
N LYS F 187 -10.04 -33.29 -0.68
CA LYS F 187 -8.95 -34.27 -0.72
C LYS F 187 -8.65 -34.78 0.67
N VAL F 188 -8.75 -33.88 1.65
CA VAL F 188 -8.30 -34.18 3.02
C VAL F 188 -9.28 -35.10 3.68
N SER F 189 -10.55 -34.78 3.55
CA SER F 189 -11.60 -35.67 4.02
C SER F 189 -11.53 -37.01 3.29
N ALA F 190 -11.56 -36.96 1.96
CA ALA F 190 -11.56 -38.19 1.15
C ALA F 190 -10.48 -39.15 1.60
N ALA F 191 -9.26 -38.62 1.69
CA ALA F 191 -8.09 -39.36 2.14
C ALA F 191 -8.24 -39.93 3.55
N LYS F 192 -8.71 -39.11 4.48
CA LYS F 192 -8.93 -39.57 5.84
C LYS F 192 -9.98 -40.69 5.87
N LEU F 193 -11.06 -40.54 5.09
CA LEU F 193 -12.13 -41.58 4.97
C LEU F 193 -11.60 -42.89 4.40
N GLU F 194 -10.95 -42.80 3.23
CA GLU F 194 -10.24 -43.90 2.61
C GLU F 194 -9.31 -44.61 3.59
N ALA F 195 -8.84 -43.89 4.61
CA ALA F 195 -8.01 -44.48 5.65
C ALA F 195 -8.83 -45.27 6.65
N MET F 196 -10.13 -45.04 6.70
CA MET F 196 -10.99 -45.85 7.57
C MET F 196 -11.86 -46.82 6.77
N GLY F 197 -11.36 -47.24 5.60
CA GLY F 197 -12.09 -48.16 4.72
C GLY F 197 -13.40 -47.63 4.12
N LEU F 198 -13.73 -46.39 4.44
CA LEU F 198 -14.91 -45.74 3.89
C LEU F 198 -14.59 -45.12 2.55
N ARG F 199 -15.27 -45.59 1.50
CA ARG F 199 -15.06 -45.03 0.17
C ARG F 199 -16.38 -44.60 -0.45
N THR F 200 -17.41 -45.42 -0.29
CA THR F 200 -18.71 -45.11 -0.85
C THR F 200 -19.74 -44.89 0.24
N CYS F 201 -20.80 -44.17 -0.11
CA CYS F 201 -21.94 -43.97 0.77
C CYS F 201 -22.52 -45.25 1.38
N GLY F 202 -22.45 -46.36 0.63
CA GLY F 202 -22.86 -47.67 1.15
C GLY F 202 -22.10 -48.03 2.43
N ASP F 203 -20.80 -47.76 2.39
CA ASP F 203 -19.93 -48.05 3.52
C ASP F 203 -20.22 -47.20 4.75
N VAL F 204 -20.67 -45.97 4.50
CA VAL F 204 -21.04 -45.04 5.57
C VAL F 204 -22.32 -45.54 6.22
N GLN F 205 -23.20 -46.12 5.39
CA GLN F 205 -24.46 -46.70 5.82
C GLN F 205 -24.22 -47.93 6.70
N ALA F 206 -23.21 -48.73 6.37
CA ALA F 206 -22.92 -49.90 7.16
C ALA F 206 -21.93 -49.64 8.29
N CYS F 207 -21.42 -48.41 8.39
CA CYS F 207 -20.43 -48.05 9.42
C CYS F 207 -21.07 -47.45 10.69
N ASP F 208 -20.29 -47.43 11.78
CA ASP F 208 -20.74 -46.99 13.10
C ASP F 208 -20.75 -45.44 13.29
N LEU F 209 -21.83 -44.89 13.85
CA LEU F 209 -22.03 -43.42 13.94
C LEU F 209 -21.16 -42.68 14.99
N VAL F 210 -20.96 -43.32 16.14
CA VAL F 210 -20.12 -42.76 17.20
C VAL F 210 -18.70 -42.48 16.67
N MET F 211 -18.21 -43.41 15.84
CA MET F 211 -16.97 -43.24 15.10
C MET F 211 -16.98 -41.90 14.37
N LEU F 212 -17.88 -41.77 13.40
CA LEU F 212 -17.94 -40.58 12.53
C LEU F 212 -18.14 -39.29 13.31
N LEU F 213 -18.74 -39.41 14.48
CA LEU F 213 -18.91 -38.26 15.34
C LEU F 213 -17.61 -37.90 16.06
N LYS F 214 -16.87 -38.92 16.49
CA LYS F 214 -15.58 -38.76 17.12
C LYS F 214 -14.54 -38.18 16.17
N ARG F 215 -14.48 -38.72 14.96
CA ARG F 215 -13.48 -38.32 13.97
C ARG F 215 -13.86 -37.07 13.16
N PHE F 216 -15.13 -36.66 13.18
CA PHE F 216 -15.53 -35.42 12.51
C PHE F 216 -16.67 -34.79 13.28
N GLY F 217 -16.75 -33.47 13.28
CA GLY F 217 -17.74 -32.76 14.07
C GLY F 217 -19.09 -32.87 13.40
N LYS F 218 -19.70 -31.71 13.16
CA LYS F 218 -20.91 -31.64 12.36
C LYS F 218 -20.72 -32.42 11.04
N PHE F 219 -19.48 -32.50 10.57
CA PHE F 219 -19.18 -33.10 9.28
C PHE F 219 -19.40 -34.60 9.24
N GLY F 220 -19.18 -35.26 10.38
CA GLY F 220 -19.42 -36.69 10.50
C GLY F 220 -20.90 -36.96 10.34
N ARG F 221 -21.70 -36.13 11.01
CA ARG F 221 -23.15 -36.18 10.96
C ARG F 221 -23.58 -35.93 9.55
N ILE F 222 -23.24 -34.78 8.99
CA ILE F 222 -23.69 -34.45 7.65
C ILE F 222 -23.27 -35.55 6.70
N LEU F 223 -22.20 -36.26 7.02
CA LEU F 223 -21.69 -37.26 6.10
C LEU F 223 -22.62 -38.46 6.10
N TRP F 224 -22.93 -38.90 7.31
CA TRP F 224 -23.86 -39.96 7.59
C TRP F 224 -25.23 -39.76 6.92
N GLU F 225 -25.79 -38.56 7.09
CA GLU F 225 -27.12 -38.17 6.56
C GLU F 225 -27.21 -38.08 5.04
N ARG F 226 -26.25 -37.40 4.44
CA ARG F 226 -26.09 -37.36 3.00
C ARG F 226 -25.96 -38.78 2.47
N SER F 227 -25.40 -39.69 3.29
CA SER F 227 -25.19 -41.07 2.86
C SER F 227 -26.48 -41.88 2.87
N GLN F 228 -27.45 -41.38 3.63
CA GLN F 228 -28.72 -42.01 3.78
C GLN F 228 -29.67 -41.34 2.82
N GLY F 229 -29.23 -40.22 2.24
CA GLY F 229 -30.08 -39.47 1.32
C GLY F 229 -30.67 -38.23 1.96
N ILE F 230 -30.54 -38.10 3.27
CA ILE F 230 -31.13 -36.96 4.01
C ILE F 230 -30.33 -35.65 3.91
N ASP F 231 -31.02 -34.58 3.56
CA ASP F 231 -30.37 -33.28 3.32
C ASP F 231 -31.40 -32.16 3.23
N GLU F 232 -31.93 -31.75 4.37
CA GLU F 232 -33.08 -30.87 4.31
C GLU F 232 -32.70 -29.43 4.53
N ARG F 233 -32.20 -28.81 3.47
CA ARG F 233 -31.90 -27.40 3.54
C ARG F 233 -32.75 -26.77 2.46
N ASP F 234 -33.36 -25.63 2.74
CA ASP F 234 -34.16 -24.99 1.71
C ASP F 234 -33.37 -23.98 0.95
N VAL F 235 -33.94 -23.49 -0.13
CA VAL F 235 -33.33 -22.48 -0.98
C VAL F 235 -33.31 -21.11 -0.26
N ASN F 236 -32.99 -20.01 -0.95
CA ASN F 236 -32.81 -18.71 -0.26
C ASN F 236 -33.20 -17.41 -0.96
N SER F 237 -32.26 -16.83 -1.71
CA SER F 237 -32.37 -15.49 -2.32
C SER F 237 -32.55 -14.36 -1.32
N GLU F 238 -32.26 -14.64 -0.05
CA GLU F 238 -32.22 -13.62 1.02
C GLU F 238 -30.85 -13.62 1.73
N ARG F 239 -29.92 -14.43 1.23
CA ARG F 239 -28.58 -14.55 1.79
C ARG F 239 -27.62 -13.49 1.27
N LEU F 240 -26.86 -12.92 2.19
CA LEU F 240 -25.99 -11.79 1.87
C LEU F 240 -24.55 -12.13 2.19
N ARG F 241 -23.62 -11.45 1.53
CA ARG F 241 -22.22 -11.53 1.88
C ARG F 241 -22.06 -11.21 3.36
N LYS F 242 -21.45 -12.13 4.10
CA LYS F 242 -21.20 -11.97 5.53
C LYS F 242 -19.86 -11.32 5.80
N SER F 243 -19.09 -11.11 4.74
CA SER F 243 -17.80 -10.46 4.84
C SER F 243 -17.38 -9.90 3.49
N VAL F 244 -16.42 -8.98 3.51
CA VAL F 244 -15.82 -8.46 2.28
C VAL F 244 -14.33 -8.18 2.49
N GLY F 245 -13.50 -8.66 1.58
CA GLY F 245 -12.06 -8.47 1.63
C GLY F 245 -11.48 -8.01 0.30
N VAL F 246 -10.29 -7.41 0.35
CA VAL F 246 -9.46 -7.20 -0.85
C VAL F 246 -8.02 -7.55 -0.46
N GLU F 247 -7.29 -8.19 -1.38
CA GLU F 247 -5.90 -8.64 -1.16
C GLU F 247 -5.09 -8.68 -2.43
N ARG F 248 -3.80 -8.92 -2.29
CA ARG F 248 -2.88 -8.80 -3.41
C ARG F 248 -1.60 -9.54 -3.10
N THR F 249 -1.22 -10.34 -4.11
CA THR F 249 0.04 -11.08 -4.16
C THR F 249 1.01 -10.32 -5.05
N MET F 250 2.18 -9.97 -4.54
CA MET F 250 3.15 -9.16 -5.33
C MET F 250 3.99 -10.04 -6.21
N ALA F 251 4.48 -9.50 -7.33
CA ALA F 251 5.34 -10.25 -8.24
C ALA F 251 6.66 -10.71 -7.58
N GLU F 252 7.14 -9.89 -6.65
CA GLU F 252 8.29 -10.23 -5.82
C GLU F 252 7.90 -9.96 -4.37
N ASP F 253 8.41 -10.80 -3.46
CA ASP F 253 8.16 -10.63 -2.03
C ASP F 253 8.71 -9.32 -1.50
N ILE F 254 7.96 -8.74 -0.54
CA ILE F 254 8.36 -7.52 0.14
C ILE F 254 9.06 -7.83 1.48
N HIS F 255 10.17 -7.12 1.78
CA HIS F 255 10.85 -7.28 3.06
C HIS F 255 10.85 -6.03 3.91
N HIS F 256 10.28 -4.97 3.37
CA HIS F 256 10.26 -3.66 4.03
C HIS F 256 8.83 -3.34 4.47
N TRP F 257 8.71 -2.80 5.67
CA TRP F 257 7.41 -2.39 6.20
C TRP F 257 6.74 -1.29 5.36
N SER F 258 7.49 -0.28 4.96
CA SER F 258 6.93 0.78 4.12
C SER F 258 6.22 0.22 2.86
N GLU F 259 6.71 -0.92 2.36
CA GLU F 259 6.17 -1.52 1.17
C GLU F 259 4.78 -2.08 1.48
N CYS F 260 4.73 -2.82 2.58
CA CYS F 260 3.51 -3.28 3.20
C CYS F 260 2.51 -2.17 3.34
N GLU F 261 2.91 -1.11 4.02
CA GLU F 261 2.03 0.03 4.25
C GLU F 261 1.58 0.60 2.94
N ALA F 262 2.49 0.76 1.99
CA ALA F 262 2.14 1.41 0.74
C ALA F 262 1.02 0.62 0.02
N ILE F 263 1.15 -0.71 0.05
CA ILE F 263 0.20 -1.61 -0.56
C ILE F 263 -1.14 -1.45 0.16
N ILE F 264 -1.10 -1.41 1.49
CA ILE F 264 -2.30 -1.19 2.27
C ILE F 264 -3.00 0.10 1.84
N GLU F 265 -2.24 1.12 1.48
CA GLU F 265 -2.80 2.41 1.09
C GLU F 265 -3.46 2.29 -0.25
N ARG F 266 -2.91 1.43 -1.09
CA ARG F 266 -3.49 1.12 -2.38
C ARG F 266 -4.79 0.29 -2.24
N LEU F 267 -4.75 -0.72 -1.37
CA LEU F 267 -5.88 -1.62 -1.13
C LEU F 267 -7.04 -0.92 -0.41
N TYR F 268 -6.74 0.07 0.41
CA TYR F 268 -7.80 0.65 1.22
C TYR F 268 -9.02 1.18 0.43
N PRO F 269 -8.79 2.08 -0.55
CA PRO F 269 -9.91 2.69 -1.26
C PRO F 269 -10.89 1.68 -1.82
N GLU F 270 -10.37 0.63 -2.46
CA GLU F 270 -11.20 -0.45 -3.02
C GLU F 270 -12.06 -1.09 -1.93
N LEU F 271 -11.46 -1.52 -0.83
CA LEU F 271 -12.24 -2.05 0.29
C LEU F 271 -13.31 -1.07 0.77
N GLU F 272 -12.99 0.22 0.70
CA GLU F 272 -13.95 1.24 1.09
C GLU F 272 -15.14 1.25 0.08
N ARG F 273 -14.80 1.32 -1.21
CA ARG F 273 -15.79 1.31 -2.26
C ARG F 273 -16.72 0.10 -2.14
N ARG F 274 -16.12 -1.09 -2.21
CA ARG F 274 -16.85 -2.34 -2.21
C ARG F 274 -17.80 -2.40 -1.04
N LEU F 275 -17.37 -1.86 0.09
CA LEU F 275 -18.20 -1.86 1.28
C LEU F 275 -19.38 -0.90 1.10
N ALA F 276 -19.07 0.32 0.63
CA ALA F 276 -20.02 1.40 0.45
C ALA F 276 -21.21 0.94 -0.42
N LYS F 277 -20.92 0.08 -1.41
CA LYS F 277 -21.93 -0.44 -2.31
C LYS F 277 -23.01 -1.18 -1.56
N VAL F 278 -22.64 -1.78 -0.44
CA VAL F 278 -23.53 -2.68 0.27
C VAL F 278 -23.81 -2.25 1.71
N LYS F 279 -23.04 -1.27 2.18
CA LYS F 279 -23.43 -0.49 3.35
C LYS F 279 -22.78 0.88 3.25
N PRO F 280 -23.51 1.88 2.69
CA PRO F 280 -22.97 3.22 2.36
C PRO F 280 -22.30 3.90 3.55
N ASP F 281 -22.74 3.52 4.74
CA ASP F 281 -22.30 4.15 6.00
C ASP F 281 -21.15 3.41 6.65
N LEU F 282 -20.41 2.61 5.86
CA LEU F 282 -19.20 1.92 6.29
C LEU F 282 -19.23 1.40 7.73
N LEU F 283 -20.43 1.05 8.21
CA LEU F 283 -20.60 0.57 9.57
C LEU F 283 -20.45 -0.95 9.63
N ILE F 284 -19.50 -1.42 10.43
CA ILE F 284 -19.13 -2.84 10.40
C ILE F 284 -19.07 -3.45 11.78
N ALA F 285 -18.54 -4.66 11.89
CA ALA F 285 -18.50 -5.40 13.17
C ALA F 285 -17.07 -5.73 13.61
N ARG F 286 -16.27 -6.23 12.68
CA ARG F 286 -14.85 -6.53 12.90
C ARG F 286 -14.06 -6.10 11.69
N GLN F 287 -12.84 -5.60 11.88
CA GLN F 287 -11.92 -5.45 10.73
C GLN F 287 -10.55 -6.01 11.06
N GLY F 288 -9.71 -6.13 10.01
CA GLY F 288 -8.38 -6.74 10.17
C GLY F 288 -7.55 -6.85 8.90
N VAL F 289 -6.51 -7.65 8.97
CA VAL F 289 -5.54 -7.73 7.87
C VAL F 289 -5.12 -9.18 7.65
N LYS F 290 -4.52 -9.44 6.49
CA LYS F 290 -3.93 -10.72 6.19
C LYS F 290 -2.49 -10.61 5.62
N LEU F 291 -1.59 -11.44 6.12
CA LEU F 291 -0.28 -11.50 5.48
C LEU F 291 0.04 -12.91 5.15
N LYS F 292 0.53 -13.13 3.94
CA LYS F 292 1.06 -14.42 3.55
C LYS F 292 2.54 -14.27 3.26
N PHE F 293 3.27 -15.29 3.70
CA PHE F 293 4.70 -15.33 3.71
C PHE F 293 5.26 -16.25 2.64
N ASP F 294 6.56 -16.13 2.38
CA ASP F 294 7.22 -16.92 1.34
C ASP F 294 6.99 -18.45 1.45
N ASP F 295 6.78 -18.94 2.67
CA ASP F 295 6.72 -20.37 2.97
C ASP F 295 5.28 -20.79 2.79
N PHE F 296 4.50 -19.83 2.28
CA PHE F 296 3.11 -20.00 1.92
C PHE F 296 2.24 -20.13 3.13
N GLN F 297 2.77 -19.88 4.32
CA GLN F 297 1.89 -19.74 5.49
C GLN F 297 1.26 -18.37 5.47
N GLN F 298 0.11 -18.23 6.09
CA GLN F 298 -0.52 -16.92 6.18
C GLN F 298 -1.05 -16.77 7.56
N THR F 299 -1.50 -15.56 7.87
CA THR F 299 -2.00 -15.21 9.19
C THR F 299 -2.92 -14.03 9.03
N THR F 300 -3.86 -13.94 9.94
CA THR F 300 -4.89 -12.94 9.83
C THR F 300 -4.96 -12.44 11.24
N GLN F 301 -5.06 -11.13 11.35
CA GLN F 301 -5.25 -10.49 12.64
C GLN F 301 -6.38 -9.50 12.43
N GLU F 302 -7.43 -9.74 13.19
CA GLU F 302 -8.62 -8.90 13.08
C GLU F 302 -9.31 -8.79 14.43
N HIS F 303 -10.02 -7.68 14.63
CA HIS F 303 -10.60 -7.39 15.94
C HIS F 303 -11.92 -6.68 15.75
N VAL F 304 -12.74 -6.67 16.81
CA VAL F 304 -14.00 -5.91 16.86
C VAL F 304 -13.77 -4.44 16.60
N TRP F 305 -14.65 -3.82 15.83
CA TRP F 305 -14.48 -2.45 15.38
C TRP F 305 -15.79 -1.91 14.79
N PRO F 306 -16.28 -0.79 15.32
CA PRO F 306 -17.62 -0.34 14.94
C PRO F 306 -17.71 0.12 13.48
N ARG F 307 -16.59 0.61 12.96
CA ARG F 307 -16.58 1.23 11.63
C ARG F 307 -15.27 0.94 10.94
N LEU F 308 -15.30 0.93 9.59
CA LEU F 308 -14.11 0.82 8.72
C LEU F 308 -13.15 1.89 9.12
N ASN F 309 -11.86 1.59 9.12
CA ASN F 309 -10.88 2.57 9.52
C ASN F 309 -9.51 2.28 8.99
N LYS F 310 -9.00 3.15 8.11
CA LYS F 310 -7.67 2.96 7.52
C LYS F 310 -6.54 2.91 8.56
N ALA F 311 -6.52 3.90 9.44
CA ALA F 311 -5.47 3.99 10.43
C ALA F 311 -5.44 2.72 11.26
N ASP F 312 -6.61 2.19 11.58
CA ASP F 312 -6.68 1.04 12.45
C ASP F 312 -6.15 -0.20 11.74
N LEU F 313 -6.28 -0.19 10.42
CA LEU F 313 -5.75 -1.26 9.61
C LEU F 313 -4.23 -1.23 9.60
N ILE F 314 -3.70 -0.04 9.31
CA ILE F 314 -2.25 0.13 9.20
C ILE F 314 -1.60 -0.24 10.55
N ALA F 315 -2.23 0.20 11.62
CA ALA F 315 -1.81 -0.17 12.94
C ALA F 315 -1.72 -1.69 13.06
N THR F 316 -2.88 -2.35 12.94
CA THR F 316 -2.95 -3.78 13.15
C THR F 316 -2.02 -4.56 12.19
N ALA F 317 -1.88 -4.09 10.97
CA ALA F 317 -0.81 -4.61 10.12
C ALA F 317 0.67 -4.28 10.57
N ARG F 318 0.90 -3.18 11.32
CA ARG F 318 2.28 -2.93 11.85
C ARG F 318 2.49 -3.98 12.92
N LYS F 319 1.48 -4.18 13.76
CA LYS F 319 1.56 -5.15 14.84
C LYS F 319 1.80 -6.58 14.30
N THR F 320 1.18 -6.90 13.17
CA THR F 320 1.36 -8.20 12.55
C THR F 320 2.75 -8.35 11.94
N TRP F 321 3.06 -7.50 10.98
CA TRP F 321 4.45 -7.44 10.42
C TRP F 321 5.53 -7.54 11.52
N ASP F 322 5.39 -6.80 12.60
CA ASP F 322 6.34 -6.97 13.70
C ASP F 322 6.32 -8.35 14.34
N GLU F 323 5.14 -8.81 14.74
CA GLU F 323 5.12 -9.92 15.66
C GLU F 323 5.19 -11.24 14.98
N ARG F 324 4.49 -11.38 13.86
CA ARG F 324 4.28 -12.72 13.27
C ARG F 324 5.08 -13.01 12.01
N ARG F 325 5.89 -12.06 11.55
CA ARG F 325 6.59 -12.21 10.29
C ARG F 325 7.78 -13.17 10.38
N GLY F 326 8.34 -13.32 11.57
CA GLY F 326 9.51 -14.16 11.74
C GLY F 326 10.67 -13.97 10.74
N GLY F 327 10.89 -12.73 10.28
CA GLY F 327 11.95 -12.45 9.30
C GLY F 327 11.69 -12.93 7.88
N ARG F 328 10.54 -13.55 7.63
CA ARG F 328 10.17 -14.01 6.30
C ARG F 328 9.79 -12.88 5.32
N GLY F 329 9.99 -13.16 4.04
CA GLY F 329 9.40 -12.36 2.98
C GLY F 329 7.88 -12.55 2.95
N VAL F 330 7.21 -11.52 2.43
CA VAL F 330 5.77 -11.45 2.38
C VAL F 330 5.38 -11.41 0.91
N ARG F 331 4.49 -12.35 0.52
CA ARG F 331 4.01 -12.46 -0.86
C ARG F 331 2.67 -11.80 -1.07
N LEU F 332 1.97 -11.54 0.03
CA LEU F 332 0.56 -11.16 -0.01
C LEU F 332 0.15 -10.38 1.20
N VAL F 333 -0.61 -9.33 0.95
CA VAL F 333 -1.22 -8.54 2.01
C VAL F 333 -2.69 -8.31 1.64
N GLY F 334 -3.55 -8.47 2.63
CA GLY F 334 -4.90 -8.07 2.41
C GLY F 334 -5.69 -7.53 3.56
N LEU F 335 -6.64 -6.67 3.21
CA LEU F 335 -7.60 -6.09 4.14
C LEU F 335 -8.93 -6.87 4.19
N HIS F 336 -9.54 -6.92 5.38
CA HIS F 336 -10.77 -7.71 5.59
C HIS F 336 -11.72 -7.15 6.68
N VAL F 337 -13.01 -7.06 6.37
CA VAL F 337 -14.03 -6.78 7.38
C VAL F 337 -15.10 -7.88 7.39
N THR F 338 -15.61 -8.19 8.57
CA THR F 338 -16.81 -9.00 8.68
C THR F 338 -17.93 -8.01 8.93
N LEU F 339 -19.08 -8.18 8.24
CA LEU F 339 -20.27 -7.29 8.37
C LEU F 339 -21.09 -7.60 9.61
N LEU F 340 -22.09 -6.79 9.91
CA LEU F 340 -23.04 -7.09 11.01
C LEU F 340 -24.09 -8.12 10.61
N ASP F 341 -24.87 -8.59 11.59
CA ASP F 341 -25.94 -9.60 11.41
C ASP F 341 -27.21 -9.01 10.75
N PRO F 342 -28.40 -9.12 11.40
CA PRO F 342 -29.31 -8.02 11.16
C PRO F 342 -28.62 -6.70 11.54
PG 0KX G . 22.47 24.80 -4.16
O1G 0KX G . 21.87 25.94 -3.35
O2G 0KX G . 21.74 24.41 -5.39
O3G 0KX G . 23.94 24.98 -4.28
PB 0KX G . 23.29 23.52 -1.89
O1B 0KX G . 24.46 22.68 -2.28
O2B 0KX G . 23.62 24.84 -1.22
O3B 0KX G . 22.33 23.58 -3.15
PA 0KX G . 20.96 23.28 -0.28
O1A 0KX G . 20.85 24.74 -0.73
O2A 0KX G . 19.80 22.31 -0.51
N3A 0KX G . 22.34 22.72 -0.89
O5' 0KX G . 21.36 23.30 1.28
C5' 0KX G . 22.62 23.84 1.64
C4' 0KX G . 23.50 22.83 2.41
O4' 0KX G . 22.71 21.95 3.17
C3' 0KX G . 24.43 21.96 1.56
O3' 0KX G . 25.70 22.63 1.43
C2' 0KX G . 24.57 20.70 2.40
C1' 0KX G . 23.34 20.68 3.29
N1 0KX G . 22.38 19.63 2.88
C2 0KX G . 22.43 18.35 3.45
N3 0KX G . 21.56 17.35 3.09
C4 0KX G . 20.63 17.63 2.18
C5 0KX G . 20.55 18.90 1.59
C6 0KX G . 21.44 19.90 1.95
O2 0KX G . 23.31 18.12 4.31
N4 0KX G . 19.76 16.66 1.80
MG MG H . 21.99 26.56 -1.22
MG MG I . 19.48 25.83 0.44
PG 0KX J . -17.77 -26.51 -15.14
O1G 0KX J . -18.91 -26.18 -14.24
O2G 0KX J . -17.19 -27.86 -14.91
O3G 0KX J . -17.92 -26.12 -16.58
PB 0KX J . -16.62 -23.96 -14.69
O1B 0KX J . -15.54 -23.60 -15.66
O2B 0KX J . -18.00 -23.41 -14.92
O3B 0KX J . -16.62 -25.55 -14.63
PA 0KX J . -17.09 -23.79 -11.84
O1A 0KX J . -18.48 -24.29 -12.15
O2A 0KX J . -16.34 -24.47 -10.76
N3A 0KX J . -16.18 -23.71 -13.18
O5' 0KX J . -17.16 -22.22 -11.48
C5' 0KX J . -17.47 -21.21 -12.43
C4' 0KX J . -16.41 -20.11 -12.54
O4' 0KX J . -15.79 -19.86 -11.28
C3' 0KX J . -15.29 -20.48 -13.50
O3' 0KX J . -15.53 -20.01 -14.84
C2' 0KX J . -14.09 -19.78 -12.91
C1' 0KX J . -14.44 -19.49 -11.48
N1 0KX J . -13.56 -20.28 -10.64
C2 0KX J . -12.40 -19.70 -10.04
N3 0KX J . -11.57 -20.43 -9.26
C4 0KX J . -11.81 -21.73 -9.04
C5 0KX J . -12.93 -22.31 -9.61
C6 0KX J . -13.80 -21.56 -10.41
O2 0KX J . -12.14 -18.50 -10.23
N4 0KX J . -11.01 -22.49 -8.28
MG MG K . -19.57 -23.90 -13.68
MG MG L . -19.90 -24.60 -10.69
#